data_3C0D
#
_entry.id   3C0D
#
_cell.length_a   61.667
_cell.length_b   103.462
_cell.length_c   82.951
_cell.angle_alpha   90.00
_cell.angle_beta   91.37
_cell.angle_gamma   90.00
#
_symmetry.space_group_name_H-M   'P 1 21 1'
#
loop_
_entity.id
_entity.type
_entity.pdbx_description
1 polymer 'Putative nitrite reductase NADPH (Small subunit) oxidoreductase protein'
2 water water
#
_entity_poly.entity_id   1
_entity_poly.type   'polypeptide(L)'
_entity_poly.pdbx_seq_one_letter_code
;(MSE)AALTKVKLCQLDDL(MSE)PFIGATVLIEGERVALFYIPDSGVYAVQDWDPIGKAYV(MSE)SRGIVGDINGE
(MSE)CVASPLYKQHFSLKSGQCLEDEAHCLKTWRVTVDDNQVCYLAKELEHHHHHH
;
_entity_poly.pdbx_strand_id   A,B,C,D,E,F,G,H
#
# COMPACT_ATOMS: atom_id res chain seq x y z
N LEU A 4 25.85 -39.04 -14.97
CA LEU A 4 26.93 -38.09 -14.61
C LEU A 4 27.32 -37.22 -15.81
N THR A 5 27.02 -37.69 -17.01
CA THR A 5 27.38 -36.94 -18.23
C THR A 5 26.50 -35.73 -18.55
N LYS A 6 27.12 -34.69 -19.12
CA LYS A 6 26.44 -33.46 -19.48
C LYS A 6 26.47 -33.22 -20.99
N VAL A 7 25.35 -32.75 -21.53
CA VAL A 7 25.22 -32.49 -22.96
C VAL A 7 25.04 -31.00 -23.24
N LYS A 8 25.92 -30.42 -24.07
CA LYS A 8 25.80 -29.01 -24.40
C LYS A 8 24.37 -28.72 -24.82
N LEU A 9 23.78 -27.69 -24.22
CA LEU A 9 22.39 -27.28 -24.50
C LEU A 9 22.36 -25.93 -25.22
N CYS A 10 22.92 -24.90 -24.57
CA CYS A 10 23.00 -23.56 -25.14
C CYS A 10 24.01 -22.71 -24.38
N GLN A 11 24.25 -21.50 -24.91
CA GLN A 11 25.18 -20.54 -24.32
C GLN A 11 24.40 -19.70 -23.32
N LEU A 12 24.99 -19.41 -22.16
CA LEU A 12 24.29 -18.60 -21.17
C LEU A 12 23.74 -17.28 -21.74
N ASP A 13 24.48 -16.60 -22.61
CA ASP A 13 23.96 -15.35 -23.14
C ASP A 13 22.88 -15.52 -24.22
N ASP A 14 22.35 -16.73 -24.32
CA ASP A 14 21.25 -17.04 -25.22
C ASP A 14 20.01 -16.87 -24.33
N LEU A 15 20.28 -16.85 -23.02
CA LEU A 15 19.25 -16.72 -22.01
C LEU A 15 19.17 -15.33 -21.35
N MSE A 16 18.02 -14.68 -21.50
CA MSE A 16 17.80 -13.38 -20.88
C MSE A 16 17.40 -13.66 -19.43
O MSE A 16 16.70 -14.63 -19.14
CB MSE A 16 16.65 -12.64 -21.57
CG MSE A 16 17.05 -11.94 -22.86
SE MSE A 16 15.55 -10.89 -23.57
CE MSE A 16 15.96 -9.16 -22.77
N PRO A 17 17.84 -12.80 -18.49
CA PRO A 17 17.51 -12.98 -17.08
C PRO A 17 16.02 -13.02 -16.78
N PHE A 18 15.59 -14.06 -16.11
CA PHE A 18 14.19 -14.22 -15.72
C PHE A 18 13.21 -14.41 -16.87
N ILE A 19 13.73 -14.64 -18.08
CA ILE A 19 12.87 -14.82 -19.24
C ILE A 19 13.04 -16.17 -19.92
N GLY A 20 11.96 -16.95 -19.93
CA GLY A 20 11.99 -18.28 -20.51
C GLY A 20 12.39 -18.42 -21.96
N ALA A 21 13.30 -19.37 -22.23
CA ALA A 21 13.77 -19.70 -23.56
C ALA A 21 13.44 -21.16 -23.79
N THR A 22 12.75 -21.47 -24.87
CA THR A 22 12.42 -22.86 -25.09
C THR A 22 13.58 -23.53 -25.74
N VAL A 23 13.71 -24.82 -25.51
CA VAL A 23 14.75 -25.66 -26.09
C VAL A 23 14.18 -27.05 -26.10
N LEU A 24 14.88 -27.97 -26.74
CA LEU A 24 14.43 -29.34 -26.83
C LEU A 24 15.48 -30.23 -26.17
N ILE A 25 15.01 -31.14 -25.33
CA ILE A 25 15.90 -32.09 -24.70
C ILE A 25 15.38 -33.45 -25.07
N GLU A 26 16.13 -34.13 -25.93
CA GLU A 26 15.74 -35.44 -26.39
C GLU A 26 14.27 -35.53 -26.71
N GLY A 27 13.77 -34.58 -27.51
CA GLY A 27 12.38 -34.61 -27.92
C GLY A 27 11.31 -33.91 -27.10
N GLU A 28 11.56 -33.67 -25.82
CA GLU A 28 10.56 -33.03 -24.98
C GLU A 28 10.73 -31.51 -24.96
N ARG A 29 9.60 -30.80 -24.91
CA ARG A 29 9.60 -29.35 -24.88
C ARG A 29 10.05 -28.85 -23.53
N VAL A 30 11.15 -28.11 -23.49
CA VAL A 30 11.67 -27.61 -22.22
C VAL A 30 11.78 -26.08 -22.18
N ALA A 31 11.56 -25.51 -21.00
CA ALA A 31 11.65 -24.07 -20.82
C ALA A 31 12.82 -23.77 -19.90
N LEU A 32 13.78 -22.98 -20.38
CA LEU A 32 14.94 -22.63 -19.57
C LEU A 32 14.73 -21.27 -18.92
N PHE A 33 15.09 -21.16 -17.65
CA PHE A 33 14.92 -19.91 -16.92
C PHE A 33 16.21 -19.59 -16.18
N TYR A 34 16.91 -18.57 -16.64
CA TYR A 34 18.17 -18.17 -16.02
C TYR A 34 17.93 -17.17 -14.87
N ILE A 35 18.26 -17.58 -13.66
CA ILE A 35 18.11 -16.73 -12.48
C ILE A 35 19.51 -16.34 -12.02
N PRO A 36 19.92 -15.08 -12.24
CA PRO A 36 21.26 -14.59 -11.84
C PRO A 36 21.81 -15.14 -10.52
N ASP A 37 21.06 -14.98 -9.43
CA ASP A 37 21.52 -15.45 -8.13
C ASP A 37 21.55 -16.99 -7.98
N SER A 38 20.68 -17.68 -8.71
CA SER A 38 20.54 -19.13 -8.63
C SER A 38 21.16 -20.04 -9.69
N GLY A 39 21.21 -19.58 -10.94
CA GLY A 39 21.75 -20.41 -11.98
C GLY A 39 20.68 -20.60 -13.05
N VAL A 40 20.55 -21.81 -13.60
CA VAL A 40 19.55 -22.05 -14.63
C VAL A 40 18.60 -23.21 -14.30
N TYR A 41 17.30 -22.95 -14.38
CA TYR A 41 16.28 -23.98 -14.12
C TYR A 41 15.51 -24.38 -15.39
N ALA A 42 15.25 -25.66 -15.55
CA ALA A 42 14.53 -26.18 -16.71
C ALA A 42 13.24 -26.82 -16.26
N VAL A 43 12.14 -26.56 -16.96
CA VAL A 43 10.85 -27.16 -16.63
C VAL A 43 10.12 -27.45 -17.94
N GLN A 44 9.16 -28.37 -17.95
CA GLN A 44 8.45 -28.66 -19.19
C GLN A 44 7.75 -27.39 -19.65
N ASP A 45 7.79 -27.13 -20.94
CA ASP A 45 7.20 -25.94 -21.51
C ASP A 45 5.71 -26.09 -21.64
N TRP A 46 5.25 -27.33 -21.79
CA TRP A 46 3.82 -27.57 -21.91
C TRP A 46 3.10 -27.36 -20.55
N ASP A 47 2.09 -26.50 -20.55
CA ASP A 47 1.28 -26.19 -19.38
C ASP A 47 0.22 -27.28 -19.19
N PRO A 48 0.35 -28.10 -18.14
CA PRO A 48 -0.60 -29.19 -17.87
C PRO A 48 -2.03 -28.73 -17.63
N ILE A 49 -2.18 -27.47 -17.25
CA ILE A 49 -3.48 -26.89 -17.00
C ILE A 49 -3.53 -25.70 -17.95
N GLY A 50 -4.10 -25.89 -19.14
CA GLY A 50 -4.14 -24.78 -20.07
C GLY A 50 -3.91 -25.40 -21.42
N LYS A 51 -3.16 -26.49 -21.40
CA LYS A 51 -2.89 -27.27 -22.58
C LYS A 51 -2.25 -26.57 -23.77
N ALA A 52 -1.00 -26.13 -23.61
CA ALA A 52 -0.28 -25.48 -24.69
C ALA A 52 1.14 -25.20 -24.28
N TYR A 53 2.07 -25.31 -25.23
CA TYR A 53 3.46 -25.03 -24.92
C TYR A 53 3.46 -23.54 -24.73
N VAL A 54 3.57 -23.11 -23.48
CA VAL A 54 3.53 -21.70 -23.18
C VAL A 54 4.28 -21.27 -21.92
N MSE A 55 4.87 -22.23 -21.20
CA MSE A 55 5.56 -21.90 -19.96
C MSE A 55 6.73 -20.95 -20.15
O MSE A 55 7.10 -20.23 -19.22
CB MSE A 55 6.02 -23.17 -19.24
CG MSE A 55 4.88 -24.06 -18.74
SE MSE A 55 3.44 -23.18 -17.69
CE MSE A 55 4.47 -22.60 -16.15
N SER A 56 7.31 -20.93 -21.34
CA SER A 56 8.44 -20.03 -21.54
C SER A 56 7.96 -18.59 -21.47
N ARG A 57 6.67 -18.39 -21.67
CA ARG A 57 6.11 -17.05 -21.68
C ARG A 57 5.55 -16.60 -20.33
N GLY A 58 5.68 -17.43 -19.31
CA GLY A 58 5.14 -17.05 -18.01
C GLY A 58 6.00 -16.09 -17.18
N ILE A 59 5.36 -15.21 -16.44
CA ILE A 59 6.07 -14.24 -15.61
C ILE A 59 6.71 -14.88 -14.38
N VAL A 60 8.01 -14.64 -14.21
CA VAL A 60 8.76 -15.18 -13.08
C VAL A 60 8.64 -14.22 -11.89
N GLY A 61 8.55 -14.75 -10.69
CA GLY A 61 8.43 -13.92 -9.51
C GLY A 61 8.71 -14.72 -8.27
N ASP A 62 8.85 -14.08 -7.12
CA ASP A 62 9.11 -14.81 -5.87
C ASP A 62 7.86 -15.01 -5.04
N ILE A 63 7.72 -16.19 -4.46
CA ILE A 63 6.58 -16.48 -3.62
C ILE A 63 7.18 -17.12 -2.40
N ASN A 64 7.00 -16.45 -1.26
CA ASN A 64 7.53 -16.88 0.02
C ASN A 64 8.96 -17.36 -0.20
N GLY A 65 9.72 -16.56 -0.94
CA GLY A 65 11.11 -16.89 -1.22
C GLY A 65 11.32 -17.59 -2.56
N GLU A 66 11.56 -18.90 -2.49
CA GLU A 66 11.78 -19.72 -3.69
C GLU A 66 10.84 -19.28 -4.82
N MSE A 67 11.39 -18.88 -5.96
CA MSE A 67 10.54 -18.41 -7.03
C MSE A 67 10.01 -19.40 -8.04
O MSE A 67 10.62 -20.41 -8.34
CB MSE A 67 11.16 -17.23 -7.76
CG MSE A 67 12.55 -17.40 -8.26
SE MSE A 67 13.08 -15.59 -8.66
CE MSE A 67 14.16 -15.25 -7.09
N CYS A 68 8.84 -19.02 -8.56
CA CYS A 68 8.11 -19.82 -9.51
C CYS A 68 7.70 -19.02 -10.74
N VAL A 69 7.16 -19.73 -11.72
CA VAL A 69 6.68 -19.13 -12.96
C VAL A 69 5.16 -19.29 -13.09
N ALA A 70 4.48 -18.18 -13.34
CA ALA A 70 3.04 -18.17 -13.50
C ALA A 70 2.64 -18.50 -14.95
N SER A 71 1.81 -19.53 -15.13
CA SER A 71 1.39 -19.87 -16.48
C SER A 71 0.73 -18.62 -17.06
N PRO A 72 1.02 -18.29 -18.32
CA PRO A 72 0.42 -17.11 -18.96
C PRO A 72 -1.05 -17.32 -19.35
N LEU A 73 -1.61 -18.49 -19.03
CA LEU A 73 -3.00 -18.77 -19.36
C LEU A 73 -3.93 -18.64 -18.14
N TYR A 74 -4.05 -19.71 -17.37
CA TYR A 74 -4.91 -19.70 -16.19
C TYR A 74 -4.16 -19.28 -14.90
N LYS A 75 -3.06 -18.55 -15.11
CA LYS A 75 -2.20 -18.01 -14.06
C LYS A 75 -1.67 -18.86 -12.91
N GLN A 76 -1.78 -20.19 -12.97
CA GLN A 76 -1.26 -21.00 -11.86
C GLN A 76 0.26 -20.80 -11.69
N HIS A 77 0.74 -20.92 -10.46
CA HIS A 77 2.17 -20.76 -10.17
C HIS A 77 2.90 -22.08 -10.06
N PHE A 78 4.00 -22.20 -10.76
CA PHE A 78 4.80 -23.42 -10.73
C PHE A 78 6.22 -23.18 -10.26
N SER A 79 6.64 -23.85 -9.18
CA SER A 79 8.00 -23.72 -8.65
C SER A 79 9.09 -24.13 -9.65
N LEU A 80 10.02 -23.23 -9.94
CA LEU A 80 11.12 -23.53 -10.88
C LEU A 80 12.05 -24.64 -10.39
N LYS A 81 12.13 -24.83 -9.07
CA LYS A 81 13.01 -25.85 -8.54
C LYS A 81 12.40 -27.25 -8.58
N SER A 82 11.25 -27.41 -7.94
CA SER A 82 10.60 -28.71 -7.88
C SER A 82 9.60 -28.93 -9.00
N GLY A 83 8.92 -27.87 -9.41
CA GLY A 83 7.94 -27.99 -10.49
C GLY A 83 6.53 -28.00 -9.96
N GLN A 84 6.40 -28.17 -8.65
CA GLN A 84 5.10 -28.20 -7.98
C GLN A 84 4.25 -26.97 -8.28
N CYS A 85 2.96 -27.16 -8.51
CA CYS A 85 2.07 -26.05 -8.76
C CYS A 85 1.62 -25.61 -7.38
N LEU A 86 1.60 -24.29 -7.13
CA LEU A 86 1.22 -23.80 -5.81
C LEU A 86 -0.28 -23.79 -5.52
N GLU A 87 -1.10 -23.67 -6.56
CA GLU A 87 -2.54 -23.60 -6.36
C GLU A 87 -3.32 -24.85 -6.74
N ASP A 88 -2.63 -25.97 -6.83
CA ASP A 88 -3.28 -27.22 -7.19
C ASP A 88 -2.25 -28.30 -6.99
N GLU A 89 -2.12 -28.74 -5.74
CA GLU A 89 -1.14 -29.74 -5.39
C GLU A 89 -1.10 -30.96 -6.28
N ALA A 90 -2.10 -31.10 -7.17
CA ALA A 90 -2.15 -32.24 -8.08
C ALA A 90 -1.23 -32.11 -9.29
N HIS A 91 -0.94 -30.86 -9.68
CA HIS A 91 -0.08 -30.59 -10.84
C HIS A 91 1.37 -30.27 -10.51
N CYS A 92 2.27 -30.79 -11.34
CA CYS A 92 3.69 -30.59 -11.16
C CYS A 92 4.37 -30.66 -12.54
N LEU A 93 5.35 -29.78 -12.78
CA LEU A 93 6.05 -29.78 -14.06
C LEU A 93 7.28 -30.68 -14.05
N LYS A 94 7.57 -31.30 -15.18
CA LYS A 94 8.74 -32.16 -15.24
C LYS A 94 9.96 -31.25 -15.22
N THR A 95 11.02 -31.72 -14.56
CA THR A 95 12.26 -30.96 -14.41
C THR A 95 13.48 -31.67 -14.99
N TRP A 96 14.49 -30.89 -15.35
CA TRP A 96 15.73 -31.43 -15.88
C TRP A 96 16.91 -30.82 -15.15
N ARG A 97 17.84 -31.65 -14.70
CA ARG A 97 19.01 -31.17 -13.99
C ARG A 97 19.89 -30.35 -14.94
N VAL A 98 20.23 -29.13 -14.57
CA VAL A 98 21.04 -28.27 -15.44
C VAL A 98 22.22 -27.59 -14.75
N THR A 99 23.33 -27.48 -15.47
CA THR A 99 24.53 -26.81 -14.95
C THR A 99 25.13 -25.87 -15.98
N VAL A 100 25.92 -24.91 -15.50
CA VAL A 100 26.57 -23.93 -16.36
C VAL A 100 28.05 -23.83 -15.98
N ASP A 101 28.91 -24.37 -16.83
CA ASP A 101 30.34 -24.35 -16.57
C ASP A 101 30.94 -22.98 -16.89
N ASP A 102 31.44 -22.77 -18.09
CA ASP A 102 31.98 -21.44 -18.40
C ASP A 102 30.75 -20.59 -18.66
N ASN A 103 30.28 -20.62 -19.89
CA ASN A 103 29.05 -19.92 -20.22
C ASN A 103 28.28 -20.96 -21.00
N GLN A 104 28.65 -22.21 -20.73
CA GLN A 104 28.05 -23.35 -21.37
C GLN A 104 26.97 -23.93 -20.48
N VAL A 105 25.75 -23.95 -21.00
CA VAL A 105 24.65 -24.50 -20.24
C VAL A 105 24.46 -25.93 -20.73
N CYS A 106 24.44 -26.87 -19.80
CA CYS A 106 24.28 -28.27 -20.16
C CYS A 106 23.15 -28.90 -19.36
N TYR A 107 22.71 -30.06 -19.81
CA TYR A 107 21.69 -30.78 -19.07
C TYR A 107 22.37 -32.09 -18.70
N LEU A 108 22.04 -32.65 -17.55
CA LEU A 108 22.67 -33.89 -17.11
C LEU A 108 21.86 -35.11 -17.53
N ALA A 109 22.49 -36.03 -18.25
CA ALA A 109 21.84 -37.25 -18.71
C ALA A 109 22.28 -38.50 -17.94
N LYS A 110 22.08 -39.66 -18.55
CA LYS A 110 22.47 -40.94 -17.94
C LYS A 110 23.35 -41.71 -18.93
N GLU A 111 23.22 -43.04 -18.99
CA GLU A 111 24.02 -43.83 -19.95
C GLU A 111 23.81 -45.36 -19.92
N LEU A 112 24.90 -46.12 -20.05
CA LEU A 112 24.88 -47.60 -20.06
C LEU A 112 24.47 -48.17 -21.42
N LEU B 4 -25.96 38.90 14.56
CA LEU B 4 -25.50 40.17 15.22
C LEU B 4 -25.12 39.97 16.71
N THR B 5 -25.75 39.00 17.37
CA THR B 5 -25.48 38.74 18.79
C THR B 5 -24.56 37.54 19.06
N LYS B 6 -23.59 37.76 19.95
CA LYS B 6 -22.61 36.74 20.31
C LYS B 6 -23.03 36.10 21.63
N VAL B 7 -23.30 34.80 21.62
CA VAL B 7 -23.70 34.11 22.84
C VAL B 7 -22.76 32.99 23.31
N LYS B 8 -22.44 33.00 24.59
CA LYS B 8 -21.55 31.99 25.17
C LYS B 8 -22.08 30.56 25.04
N LEU B 9 -21.33 29.72 24.35
CA LEU B 9 -21.69 28.33 24.13
C LEU B 9 -20.93 27.40 25.07
N CYS B 10 -19.60 27.53 25.11
CA CYS B 10 -18.76 26.71 25.99
C CYS B 10 -17.31 27.13 25.85
N GLN B 11 -16.45 26.60 26.72
CA GLN B 11 -15.01 26.92 26.69
C GLN B 11 -14.30 25.99 25.72
N LEU B 12 -13.42 26.55 24.88
CA LEU B 12 -12.68 25.77 23.88
C LEU B 12 -12.03 24.51 24.44
N ASP B 13 -11.64 24.52 25.70
CA ASP B 13 -11.02 23.35 26.31
C ASP B 13 -11.99 22.28 26.79
N ASP B 14 -13.27 22.42 26.37
CA ASP B 14 -14.33 21.46 26.68
C ASP B 14 -14.38 20.59 25.42
N LEU B 15 -13.70 21.08 24.38
CA LEU B 15 -13.67 20.41 23.09
C LEU B 15 -12.37 19.74 22.72
N MSE B 16 -12.39 18.41 22.66
CA MSE B 16 -11.24 17.63 22.26
C MSE B 16 -11.15 17.81 20.74
O MSE B 16 -12.17 17.77 20.05
CB MSE B 16 -11.48 16.17 22.58
CG MSE B 16 -11.90 15.94 24.00
SE MSE B 16 -10.52 15.03 24.94
CE MSE B 16 -9.25 16.49 25.12
N PRO B 17 -9.94 17.99 20.21
CA PRO B 17 -9.79 18.16 18.76
C PRO B 17 -10.26 16.97 17.93
N PHE B 18 -10.93 17.27 16.82
CA PHE B 18 -11.45 16.27 15.88
C PHE B 18 -12.55 15.38 16.43
N ILE B 19 -12.91 15.57 17.69
CA ILE B 19 -13.97 14.78 18.32
C ILE B 19 -15.20 15.61 18.63
N GLY B 20 -16.38 15.08 18.31
CA GLY B 20 -17.60 15.83 18.54
C GLY B 20 -18.07 16.03 19.96
N ALA B 21 -18.68 17.19 20.20
CA ALA B 21 -19.21 17.53 21.52
C ALA B 21 -20.61 18.06 21.28
N THR B 22 -21.60 17.55 22.00
CA THR B 22 -22.98 17.99 21.79
C THR B 22 -23.40 19.17 22.66
N VAL B 23 -24.10 20.12 22.03
CA VAL B 23 -24.64 21.26 22.76
C VAL B 23 -26.03 21.57 22.26
N LEU B 24 -26.68 22.43 23.01
CA LEU B 24 -28.03 22.88 22.74
C LEU B 24 -27.91 24.34 22.39
N ILE B 25 -28.50 24.71 21.26
CA ILE B 25 -28.52 26.10 20.79
C ILE B 25 -30.00 26.38 20.55
N GLU B 26 -30.61 27.16 21.44
CA GLU B 26 -32.04 27.48 21.35
C GLU B 26 -32.94 26.25 21.19
N GLY B 27 -32.71 25.23 22.02
CA GLY B 27 -33.52 24.00 21.96
C GLY B 27 -33.14 22.95 20.93
N GLU B 28 -32.28 23.32 19.98
CA GLU B 28 -31.86 22.40 18.95
C GLU B 28 -30.51 21.77 19.26
N ARG B 29 -30.41 20.50 18.92
CA ARG B 29 -29.23 19.70 19.17
C ARG B 29 -28.14 19.84 18.15
N VAL B 30 -27.00 20.36 18.64
CA VAL B 30 -25.83 20.62 17.83
C VAL B 30 -24.62 19.76 18.19
N ALA B 31 -23.78 19.52 17.19
CA ALA B 31 -22.55 18.76 17.38
C ALA B 31 -21.43 19.74 17.06
N LEU B 32 -20.59 20.06 18.03
CA LEU B 32 -19.50 20.99 17.81
C LEU B 32 -18.21 20.21 17.55
N PHE B 33 -17.48 20.62 16.51
CA PHE B 33 -16.24 19.97 16.17
C PHE B 33 -15.08 20.96 16.10
N TYR B 34 -14.08 20.74 16.93
CA TYR B 34 -12.93 21.62 16.97
C TYR B 34 -11.84 21.10 16.02
N ILE B 35 -11.54 21.88 14.98
CA ILE B 35 -10.46 21.51 14.05
C ILE B 35 -9.32 22.50 14.33
N PRO B 36 -8.28 22.03 15.04
CA PRO B 36 -7.10 22.84 15.40
C PRO B 36 -6.68 23.97 14.45
N ASP B 37 -6.35 23.64 13.22
CA ASP B 37 -5.90 24.68 12.30
C ASP B 37 -7.03 25.20 11.42
N SER B 38 -8.20 25.44 12.01
CA SER B 38 -9.34 25.92 11.22
C SER B 38 -10.51 26.52 12.00
N GLY B 39 -10.61 26.18 13.28
CA GLY B 39 -11.70 26.71 14.08
C GLY B 39 -12.61 25.61 14.60
N VAL B 40 -13.84 25.97 14.90
CA VAL B 40 -14.80 24.99 15.40
C VAL B 40 -16.10 25.10 14.60
N TYR B 41 -16.63 23.96 14.18
CA TYR B 41 -17.85 23.94 13.39
C TYR B 41 -19.06 23.38 14.12
N ALA B 42 -20.24 23.89 13.77
CA ALA B 42 -21.47 23.44 14.39
C ALA B 42 -22.44 22.88 13.35
N VAL B 43 -22.70 21.58 13.44
CA VAL B 43 -23.64 20.89 12.56
C VAL B 43 -24.74 20.32 13.47
N GLN B 44 -25.89 19.98 12.92
CA GLN B 44 -26.94 19.43 13.77
C GLN B 44 -26.48 18.03 14.20
N ASP B 45 -26.98 17.57 15.34
CA ASP B 45 -26.57 16.27 15.86
C ASP B 45 -27.46 15.14 15.39
N TRP B 46 -28.64 15.50 14.90
CA TRP B 46 -29.60 14.52 14.41
C TRP B 46 -29.19 14.08 13.01
N ASP B 47 -28.96 12.79 12.85
CA ASP B 47 -28.57 12.20 11.57
C ASP B 47 -29.86 12.12 10.74
N PRO B 48 -29.95 12.90 9.65
CA PRO B 48 -31.16 12.90 8.83
C PRO B 48 -31.48 11.60 8.09
N ILE B 49 -30.54 10.65 8.08
CA ILE B 49 -30.76 9.38 7.39
C ILE B 49 -30.94 8.21 8.35
N GLY B 50 -30.05 8.11 9.32
CA GLY B 50 -30.12 7.04 10.31
C GLY B 50 -31.20 7.29 11.36
N LYS B 51 -31.63 8.53 11.46
CA LYS B 51 -32.68 8.94 12.41
C LYS B 51 -32.35 8.70 13.90
N ALA B 52 -31.30 9.33 14.38
CA ALA B 52 -30.91 9.27 15.78
C ALA B 52 -29.91 10.40 15.97
N TYR B 53 -29.70 10.80 17.22
CA TYR B 53 -28.76 11.87 17.56
C TYR B 53 -27.45 11.18 17.71
N VAL B 54 -26.65 11.13 16.64
CA VAL B 54 -25.39 10.40 16.69
C VAL B 54 -24.22 11.08 15.97
N MSE B 55 -24.45 12.25 15.39
CA MSE B 55 -23.42 12.95 14.64
C MSE B 55 -22.17 13.32 15.43
O MSE B 55 -21.05 13.26 14.91
CB MSE B 55 -23.99 14.21 14.01
CG MSE B 55 -24.98 13.96 12.87
SE MSE B 55 -24.38 12.55 11.65
CE MSE B 55 -22.70 13.33 11.11
N SER B 56 -22.37 13.72 16.68
CA SER B 56 -21.23 14.12 17.48
C SER B 56 -20.26 12.97 17.74
N ARG B 57 -20.73 11.74 17.48
CA ARG B 57 -19.94 10.54 17.70
C ARG B 57 -19.31 10.02 16.41
N GLY B 58 -19.67 10.64 15.28
CA GLY B 58 -19.13 10.22 14.01
C GLY B 58 -17.68 10.61 13.81
N ILE B 59 -16.93 9.70 13.20
CA ILE B 59 -15.50 9.92 12.95
C ILE B 59 -15.26 10.93 11.81
N VAL B 60 -14.41 11.93 12.06
CA VAL B 60 -14.10 12.92 11.02
C VAL B 60 -12.81 12.59 10.25
N GLY B 61 -12.77 13.05 9.00
CA GLY B 61 -11.61 12.81 8.17
C GLY B 61 -11.72 13.67 6.93
N ASP B 62 -10.62 13.81 6.18
CA ASP B 62 -10.63 14.63 4.98
C ASP B 62 -11.11 13.83 3.76
N ILE B 63 -11.83 14.50 2.88
CA ILE B 63 -12.35 13.88 1.67
C ILE B 63 -12.25 14.93 0.57
N ASN B 64 -11.39 14.67 -0.40
CA ASN B 64 -11.18 15.60 -1.52
C ASN B 64 -10.80 16.99 -1.01
N GLY B 65 -9.83 17.02 -0.09
CA GLY B 65 -9.37 18.28 0.47
C GLY B 65 -10.29 18.91 1.50
N GLU B 66 -11.60 18.66 1.39
CA GLU B 66 -12.54 19.25 2.34
C GLU B 66 -12.87 18.37 3.54
N MSE B 67 -12.86 18.99 4.72
CA MSE B 67 -13.13 18.33 5.99
C MSE B 67 -14.61 18.00 6.15
O MSE B 67 -15.48 18.82 5.83
CB MSE B 67 -12.70 19.24 7.14
CG MSE B 67 -12.55 18.54 8.47
SE MSE B 67 -10.94 17.48 8.56
CE MSE B 67 -9.66 18.91 8.85
N CYS B 68 -14.90 16.82 6.67
CA CYS B 68 -16.27 16.40 6.89
C CYS B 68 -16.38 15.29 7.94
N VAL B 69 -17.61 15.02 8.37
CA VAL B 69 -17.89 14.01 9.39
C VAL B 69 -18.79 12.93 8.83
N ALA B 70 -18.50 11.70 9.25
CA ALA B 70 -19.27 10.55 8.81
C ALA B 70 -20.15 10.04 9.95
N SER B 71 -21.41 9.73 9.61
CA SER B 71 -22.33 9.22 10.61
C SER B 71 -21.88 7.84 11.06
N PRO B 72 -21.97 7.57 12.37
CA PRO B 72 -21.54 6.24 12.79
C PRO B 72 -22.66 5.21 12.55
N LEU B 73 -23.71 5.61 11.84
CA LEU B 73 -24.82 4.71 11.58
C LEU B 73 -24.72 3.98 10.25
N TYR B 74 -25.01 4.69 9.16
CA TYR B 74 -24.93 4.10 7.83
C TYR B 74 -23.75 4.68 7.06
N LYS B 75 -22.89 5.36 7.79
CA LYS B 75 -21.64 5.93 7.29
C LYS B 75 -21.58 7.08 6.26
N GLN B 76 -22.70 7.64 5.83
CA GLN B 76 -22.65 8.75 4.86
C GLN B 76 -21.73 9.87 5.37
N HIS B 77 -21.19 10.67 4.46
CA HIS B 77 -20.30 11.76 4.84
C HIS B 77 -20.96 13.11 4.70
N PHE B 78 -20.70 14.02 5.63
CA PHE B 78 -21.29 15.34 5.56
C PHE B 78 -20.20 16.39 5.75
N SER B 79 -20.17 17.40 4.88
CA SER B 79 -19.17 18.45 5.02
C SER B 79 -19.46 19.22 6.28
N LEU B 80 -18.41 19.56 7.02
CA LEU B 80 -18.61 20.33 8.25
C LEU B 80 -18.83 21.79 7.88
N LYS B 81 -18.30 22.18 6.73
CA LYS B 81 -18.45 23.56 6.29
C LYS B 81 -19.84 23.86 5.77
N SER B 82 -20.30 23.08 4.79
CA SER B 82 -21.63 23.30 4.21
C SER B 82 -22.73 22.53 4.93
N GLY B 83 -22.39 21.34 5.42
CA GLY B 83 -23.36 20.49 6.09
C GLY B 83 -23.95 19.57 5.04
N GLN B 84 -23.49 19.73 3.81
CA GLN B 84 -23.98 18.91 2.70
C GLN B 84 -23.41 17.51 2.77
N CYS B 85 -24.25 16.54 2.43
CA CYS B 85 -23.89 15.13 2.43
C CYS B 85 -23.19 14.81 1.11
N LEU B 86 -22.39 13.75 1.10
CA LEU B 86 -21.67 13.35 -0.11
C LEU B 86 -22.26 12.11 -0.79
N GLU B 87 -22.83 11.18 -0.02
CA GLU B 87 -23.42 9.97 -0.61
C GLU B 87 -24.82 10.25 -1.17
N ASP B 88 -25.54 11.18 -0.56
CA ASP B 88 -26.89 11.54 -1.01
C ASP B 88 -26.98 13.06 -1.02
N GLU B 89 -27.18 13.67 -2.17
CA GLU B 89 -27.25 15.13 -2.23
C GLU B 89 -28.54 15.71 -1.63
N ALA B 90 -29.61 14.91 -1.61
CA ALA B 90 -30.88 15.39 -1.06
C ALA B 90 -30.74 15.79 0.41
N HIS B 91 -30.09 14.94 1.21
CA HIS B 91 -29.90 15.20 2.64
C HIS B 91 -28.78 16.21 2.93
N CYS B 92 -29.02 17.05 3.94
CA CYS B 92 -28.03 18.05 4.34
C CYS B 92 -28.18 18.42 5.82
N LEU B 93 -27.07 18.81 6.45
CA LEU B 93 -27.09 19.15 7.87
C LEU B 93 -27.23 20.64 8.15
N LYS B 94 -28.08 20.97 9.13
CA LYS B 94 -28.25 22.36 9.52
C LYS B 94 -26.95 22.80 10.16
N THR B 95 -26.60 24.07 10.02
CA THR B 95 -25.37 24.55 10.63
C THR B 95 -25.63 25.86 11.33
N TRP B 96 -24.72 26.20 12.25
CA TRP B 96 -24.79 27.41 13.03
C TRP B 96 -23.44 28.10 12.84
N ARG B 97 -23.40 29.40 13.02
CA ARG B 97 -22.14 30.10 12.86
C ARG B 97 -21.46 30.15 14.23
N VAL B 98 -20.19 29.76 14.28
CA VAL B 98 -19.46 29.73 15.54
C VAL B 98 -18.11 30.44 15.51
N THR B 99 -17.79 31.17 16.58
CA THR B 99 -16.51 31.88 16.67
C THR B 99 -15.78 31.69 17.98
N VAL B 100 -14.46 31.65 17.89
CA VAL B 100 -13.61 31.52 19.06
C VAL B 100 -12.93 32.88 19.22
N ASP B 101 -12.61 33.23 20.47
CA ASP B 101 -11.95 34.49 20.74
C ASP B 101 -10.76 34.18 21.60
N ASP B 102 -10.99 33.92 22.88
CA ASP B 102 -9.89 33.52 23.73
C ASP B 102 -10.08 32.02 23.61
N ASN B 103 -10.38 31.36 24.71
CA ASN B 103 -10.67 29.94 24.62
C ASN B 103 -12.16 29.92 25.01
N GLN B 104 -12.86 30.92 24.49
CA GLN B 104 -14.29 31.12 24.69
C GLN B 104 -15.05 30.97 23.36
N VAL B 105 -15.78 29.88 23.23
CA VAL B 105 -16.58 29.57 22.03
C VAL B 105 -17.96 30.22 22.14
N CYS B 106 -18.52 30.65 21.01
CA CYS B 106 -19.85 31.30 20.99
C CYS B 106 -20.57 31.07 19.67
N TYR B 107 -21.85 31.38 19.63
CA TYR B 107 -22.62 31.27 18.38
C TYR B 107 -23.29 32.62 18.17
N LEU B 108 -23.59 32.94 16.92
CA LEU B 108 -24.22 34.22 16.59
C LEU B 108 -25.74 34.05 16.54
N ALA B 109 -26.48 35.12 16.85
CA ALA B 109 -27.94 35.05 16.89
C ALA B 109 -28.75 35.88 15.87
N LYS B 110 -29.98 36.21 16.26
CA LYS B 110 -30.95 36.99 15.47
C LYS B 110 -30.75 36.96 13.95
N LEU C 4 21.53 15.06 -21.17
CA LEU C 4 22.61 14.68 -22.12
C LEU C 4 23.42 13.49 -21.59
N THR C 5 24.18 13.72 -20.52
CA THR C 5 25.02 12.69 -19.92
C THR C 5 24.27 11.56 -19.22
N LYS C 6 24.98 10.47 -18.93
CA LYS C 6 24.39 9.33 -18.26
C LYS C 6 25.05 9.07 -16.91
N VAL C 7 24.33 8.37 -16.03
CA VAL C 7 24.82 8.00 -14.71
C VAL C 7 24.30 6.61 -14.36
N LYS C 8 25.20 5.66 -14.14
CA LYS C 8 24.80 4.29 -13.81
C LYS C 8 23.66 4.26 -12.79
N LEU C 9 22.59 3.51 -13.10
CA LEU C 9 21.43 3.39 -12.21
C LEU C 9 21.39 2.04 -11.53
N CYS C 10 21.49 0.98 -12.32
CA CYS C 10 21.49 -0.38 -11.80
C CYS C 10 21.80 -1.36 -12.92
N GLN C 11 21.97 -2.62 -12.58
CA GLN C 11 22.25 -3.60 -13.62
C GLN C 11 20.92 -4.24 -14.05
N LEU C 12 20.69 -4.32 -15.36
CA LEU C 12 19.45 -4.86 -15.90
C LEU C 12 19.05 -6.19 -15.28
N ASP C 13 20.02 -7.09 -15.11
CA ASP C 13 19.70 -8.38 -14.50
C ASP C 13 19.30 -8.27 -13.02
N ASP C 14 19.15 -7.06 -12.51
CA ASP C 14 18.69 -6.88 -11.12
C ASP C 14 17.19 -6.61 -11.18
N LEU C 15 16.71 -6.30 -12.38
CA LEU C 15 15.30 -5.98 -12.60
C LEU C 15 14.52 -7.16 -13.14
N MSE C 16 13.53 -7.62 -12.39
CA MSE C 16 12.69 -8.73 -12.85
C MSE C 16 11.59 -8.21 -13.73
O MSE C 16 10.96 -7.19 -13.41
CB MSE C 16 12.07 -9.47 -11.68
CG MSE C 16 13.06 -10.23 -10.86
SE MSE C 16 12.14 -11.14 -9.45
CE MSE C 16 11.25 -12.50 -10.53
N PRO C 17 11.32 -8.88 -14.85
CA PRO C 17 10.26 -8.42 -15.76
C PRO C 17 8.95 -8.14 -15.05
N PHE C 18 8.42 -6.94 -15.27
CA PHE C 18 7.15 -6.51 -14.69
C PHE C 18 7.11 -6.29 -13.17
N ILE C 19 8.17 -6.64 -12.44
CA ILE C 19 8.17 -6.45 -10.98
C ILE C 19 8.90 -5.18 -10.56
N GLY C 20 8.17 -4.25 -9.95
CA GLY C 20 8.78 -3.01 -9.53
C GLY C 20 9.99 -3.13 -8.61
N ALA C 21 11.00 -2.31 -8.90
CA ALA C 21 12.23 -2.28 -8.12
C ALA C 21 12.45 -0.83 -7.68
N THR C 22 12.68 -0.59 -6.38
CA THR C 22 12.91 0.77 -5.92
C THR C 22 14.39 1.19 -6.04
N VAL C 23 14.63 2.48 -6.27
CA VAL C 23 15.97 3.00 -6.40
C VAL C 23 15.94 4.45 -5.94
N LEU C 24 17.12 5.02 -5.73
CA LEU C 24 17.25 6.42 -5.30
C LEU C 24 17.92 7.26 -6.39
N ILE C 25 17.19 8.23 -6.93
CA ILE C 25 17.77 9.11 -7.94
C ILE C 25 17.93 10.48 -7.28
N GLU C 26 19.06 10.68 -6.63
CA GLU C 26 19.34 11.93 -5.91
C GLU C 26 18.31 12.13 -4.82
N GLY C 27 18.33 11.24 -3.83
CA GLY C 27 17.41 11.33 -2.72
C GLY C 27 15.93 11.24 -3.05
N GLU C 28 15.59 11.04 -4.32
CA GLU C 28 14.18 10.96 -4.67
C GLU C 28 13.83 9.49 -4.83
N ARG C 29 12.68 9.10 -4.28
CA ARG C 29 12.21 7.72 -4.30
C ARG C 29 11.64 7.30 -5.64
N VAL C 30 12.44 6.58 -6.43
CA VAL C 30 12.03 6.12 -7.75
C VAL C 30 11.63 4.63 -7.82
N ALA C 31 10.78 4.29 -8.78
CA ALA C 31 10.34 2.90 -8.99
C ALA C 31 10.61 2.45 -10.42
N LEU C 32 11.60 1.57 -10.60
CA LEU C 32 11.91 1.08 -11.93
C LEU C 32 10.98 -0.07 -12.30
N PHE C 33 10.65 -0.14 -13.60
CA PHE C 33 9.78 -1.17 -14.16
C PHE C 33 10.34 -1.61 -15.50
N TYR C 34 10.55 -2.91 -15.67
CA TYR C 34 11.12 -3.44 -16.90
C TYR C 34 10.14 -4.27 -17.75
N ILE C 35 9.76 -3.73 -18.90
CA ILE C 35 8.84 -4.36 -19.87
C ILE C 35 9.75 -4.87 -20.99
N PRO C 36 10.05 -6.17 -20.99
CA PRO C 36 10.91 -6.89 -21.92
C PRO C 36 11.01 -6.47 -23.39
N ASP C 37 9.96 -5.88 -23.94
CA ASP C 37 10.02 -5.50 -25.35
C ASP C 37 9.95 -3.99 -25.63
N SER C 38 9.70 -3.20 -24.58
CA SER C 38 9.60 -1.74 -24.70
C SER C 38 10.76 -1.04 -24.01
N GLY C 39 11.26 -1.65 -22.93
CA GLY C 39 12.36 -1.08 -22.19
C GLY C 39 12.10 -0.98 -20.69
N VAL C 40 12.86 -0.11 -20.03
CA VAL C 40 12.72 0.10 -18.58
C VAL C 40 12.24 1.53 -18.30
N TYR C 41 11.12 1.66 -17.60
CA TYR C 41 10.57 2.98 -17.27
C TYR C 41 10.68 3.24 -15.76
N ALA C 42 10.80 4.50 -15.37
CA ALA C 42 10.92 4.84 -13.97
C ALA C 42 9.90 5.88 -13.57
N VAL C 43 9.21 5.62 -12.46
CA VAL C 43 8.20 6.52 -11.95
C VAL C 43 8.41 6.75 -10.46
N GLN C 44 7.99 7.91 -9.94
CA GLN C 44 8.15 8.20 -8.51
C GLN C 44 7.42 7.09 -7.78
N ASP C 45 8.05 6.53 -6.76
CA ASP C 45 7.45 5.45 -5.98
C ASP C 45 6.32 5.95 -5.08
N TRP C 46 6.33 7.25 -4.76
CA TRP C 46 5.30 7.86 -3.92
C TRP C 46 3.97 8.00 -4.66
N ASP C 47 2.90 7.46 -4.06
CA ASP C 47 1.56 7.53 -4.65
C ASP C 47 0.83 8.83 -4.28
N PRO C 48 0.79 9.79 -5.21
CA PRO C 48 0.13 11.09 -4.99
C PRO C 48 -1.33 11.05 -4.52
N ILE C 49 -1.97 9.90 -4.65
CA ILE C 49 -3.35 9.78 -4.22
C ILE C 49 -3.42 9.02 -2.92
N GLY C 50 -2.81 7.83 -2.90
CA GLY C 50 -2.81 7.02 -1.69
C GLY C 50 -1.96 7.67 -0.62
N LYS C 51 -0.99 8.47 -1.05
CA LYS C 51 -0.09 9.16 -0.11
C LYS C 51 0.83 8.22 0.66
N ALA C 52 1.64 7.46 -0.07
CA ALA C 52 2.59 6.51 0.53
C ALA C 52 3.48 5.90 -0.56
N TYR C 53 4.69 5.51 -0.17
CA TYR C 53 5.63 4.88 -1.10
C TYR C 53 5.10 3.48 -1.39
N VAL C 54 4.56 3.27 -2.57
CA VAL C 54 3.99 1.97 -2.82
C VAL C 54 3.94 1.59 -4.29
N MSE C 55 4.29 2.52 -5.16
CA MSE C 55 4.26 2.29 -6.62
C MSE C 55 4.99 1.04 -7.11
O MSE C 55 4.50 0.32 -7.99
CB MSE C 55 4.80 3.50 -7.37
CG MSE C 55 3.92 4.74 -7.28
SE MSE C 55 2.02 4.34 -7.47
CE MSE C 55 1.91 4.03 -9.39
N SER C 56 6.17 0.77 -6.57
CA SER C 56 6.95 -0.38 -7.00
C SER C 56 6.24 -1.68 -6.71
N ARG C 57 5.20 -1.65 -5.89
CA ARG C 57 4.51 -2.89 -5.56
C ARG C 57 3.29 -3.17 -6.41
N GLY C 58 2.93 -2.22 -7.27
CA GLY C 58 1.75 -2.39 -8.09
C GLY C 58 1.72 -3.30 -9.31
N ILE C 59 0.59 -3.98 -9.48
CA ILE C 59 0.36 -4.87 -10.63
C ILE C 59 0.46 -4.00 -11.90
N VAL C 60 1.24 -4.43 -12.89
CA VAL C 60 1.34 -3.65 -14.13
C VAL C 60 0.53 -4.34 -15.24
N GLY C 61 0.05 -3.57 -16.22
CA GLY C 61 -0.73 -4.12 -17.31
C GLY C 61 -1.11 -3.14 -18.42
N ASP C 62 -1.83 -3.64 -19.43
CA ASP C 62 -2.26 -2.83 -20.57
C ASP C 62 -3.63 -2.19 -20.42
N ILE C 63 -3.86 -1.15 -21.22
CA ILE C 63 -5.13 -0.43 -21.25
C ILE C 63 -5.47 -0.17 -22.72
N ASN C 64 -4.80 0.80 -23.33
CA ASN C 64 -5.00 1.09 -24.75
C ASN C 64 -3.73 0.56 -25.43
N GLY C 65 -3.36 -0.68 -25.08
CA GLY C 65 -2.15 -1.28 -25.61
C GLY C 65 -1.01 -0.61 -24.86
N GLU C 66 -1.37 0.42 -24.10
CA GLU C 66 -0.43 1.20 -23.30
C GLU C 66 -0.18 0.54 -21.94
N MSE C 67 1.10 0.48 -21.55
CA MSE C 67 1.49 -0.13 -20.29
C MSE C 67 1.21 0.82 -19.11
O MSE C 67 1.54 2.01 -19.16
CB MSE C 67 2.98 -0.50 -20.33
CG MSE C 67 3.36 -1.67 -19.42
SE MSE C 67 2.37 -3.30 -19.79
CE MSE C 67 2.52 -4.18 -18.08
N CYS C 68 0.59 0.28 -18.05
CA CYS C 68 0.25 1.08 -16.88
C CYS C 68 0.41 0.28 -15.60
N VAL C 69 0.63 0.99 -14.49
CA VAL C 69 0.77 0.34 -13.19
C VAL C 69 -0.32 0.80 -12.24
N ALA C 70 -0.94 -0.16 -11.57
CA ALA C 70 -2.02 0.13 -10.63
C ALA C 70 -1.49 0.30 -9.20
N SER C 71 -1.96 1.33 -8.50
CA SER C 71 -1.50 1.56 -7.15
C SER C 71 -2.06 0.45 -6.29
N PRO C 72 -1.21 -0.20 -5.47
CA PRO C 72 -1.71 -1.28 -4.62
C PRO C 72 -2.65 -0.76 -3.54
N LEU C 73 -2.73 0.55 -3.41
CA LEU C 73 -3.60 1.18 -2.42
C LEU C 73 -5.04 1.35 -2.93
N TYR C 74 -5.31 2.39 -3.72
CA TYR C 74 -6.67 2.61 -4.22
C TYR C 74 -6.89 2.22 -5.69
N LYS C 75 -6.14 1.24 -6.16
CA LYS C 75 -6.25 0.71 -7.52
C LYS C 75 -6.30 1.64 -8.74
N GLN C 76 -5.94 2.92 -8.62
CA GLN C 76 -5.97 3.80 -9.79
C GLN C 76 -4.80 3.49 -10.74
N HIS C 77 -4.98 3.77 -12.03
CA HIS C 77 -3.95 3.47 -13.02
C HIS C 77 -3.09 4.65 -13.52
N PHE C 78 -1.78 4.40 -13.61
CA PHE C 78 -0.81 5.40 -14.07
C PHE C 78 -0.02 4.90 -15.26
N SER C 79 0.02 5.71 -16.33
CA SER C 79 0.74 5.37 -17.55
C SER C 79 2.24 5.49 -17.30
N LEU C 80 2.94 4.38 -17.12
CA LEU C 80 4.38 4.49 -16.87
C LEU C 80 5.21 4.95 -18.07
N LYS C 81 4.59 5.74 -18.95
CA LYS C 81 5.30 6.30 -20.11
C LYS C 81 5.19 7.83 -20.00
N SER C 82 4.02 8.31 -19.57
CA SER C 82 3.79 9.74 -19.41
C SER C 82 3.53 10.10 -17.96
N GLY C 83 3.26 9.09 -17.14
CA GLY C 83 2.99 9.30 -15.73
C GLY C 83 1.55 9.67 -15.46
N GLN C 84 0.89 10.17 -16.50
CA GLN C 84 -0.50 10.59 -16.40
C GLN C 84 -1.37 9.48 -15.78
N CYS C 85 -2.37 9.90 -15.01
CA CYS C 85 -3.26 8.98 -14.34
C CYS C 85 -4.49 8.62 -15.19
N LEU C 86 -4.53 7.39 -15.68
CA LEU C 86 -5.66 6.93 -16.49
C LEU C 86 -6.82 6.63 -15.54
N GLU C 87 -7.53 7.67 -15.13
CA GLU C 87 -8.66 7.54 -14.23
C GLU C 87 -8.96 8.97 -13.75
N ASP C 88 -7.97 9.58 -13.12
CA ASP C 88 -8.12 10.95 -12.63
C ASP C 88 -7.29 11.86 -13.53
N GLU C 89 -7.83 13.02 -13.85
CA GLU C 89 -7.15 13.96 -14.72
C GLU C 89 -6.03 14.74 -14.03
N ALA C 90 -6.22 15.00 -12.74
CA ALA C 90 -5.26 15.78 -11.95
C ALA C 90 -4.02 15.10 -11.41
N HIS C 91 -3.86 13.80 -11.64
CA HIS C 91 -2.69 13.12 -11.11
C HIS C 91 -1.71 12.54 -12.11
N CYS C 92 -0.44 12.78 -11.83
CA CYS C 92 0.63 12.33 -12.71
C CYS C 92 1.86 11.95 -11.88
N LEU C 93 2.53 10.86 -12.26
CA LEU C 93 3.73 10.42 -11.55
C LEU C 93 4.94 11.06 -12.23
N LYS C 94 5.87 11.57 -11.45
CA LYS C 94 7.07 12.17 -12.02
C LYS C 94 7.81 11.05 -12.77
N THR C 95 8.50 11.37 -13.87
CA THR C 95 9.23 10.34 -14.61
C THR C 95 10.62 10.78 -15.04
N TRP C 96 11.56 9.84 -14.99
CA TRP C 96 12.96 10.08 -15.38
C TRP C 96 13.19 9.24 -16.61
N ARG C 97 13.83 9.80 -17.63
CA ARG C 97 14.09 9.02 -18.84
C ARG C 97 15.24 8.06 -18.56
N VAL C 98 15.02 6.80 -18.93
CA VAL C 98 15.99 5.74 -18.69
C VAL C 98 16.30 4.92 -19.94
N THR C 99 17.59 4.85 -20.28
CA THR C 99 18.07 4.10 -21.44
C THR C 99 18.91 2.90 -21.01
N VAL C 100 19.05 1.93 -21.90
CA VAL C 100 19.82 0.72 -21.62
C VAL C 100 20.94 0.49 -22.64
N ASP C 101 22.09 0.04 -22.16
CA ASP C 101 23.22 -0.25 -23.03
C ASP C 101 23.58 -1.74 -22.96
N ASP C 102 24.74 -2.09 -22.43
CA ASP C 102 25.08 -3.50 -22.35
C ASP C 102 23.99 -4.12 -21.50
N ASN C 103 24.17 -4.04 -20.20
CA ASN C 103 23.20 -4.55 -19.24
C ASN C 103 23.21 -3.45 -18.20
N GLN C 104 23.62 -2.26 -18.67
CA GLN C 104 23.72 -1.08 -17.84
C GLN C 104 22.50 -0.19 -17.98
N VAL C 105 21.79 -0.02 -16.87
CA VAL C 105 20.60 0.83 -16.83
C VAL C 105 21.07 2.13 -16.20
N CYS C 106 20.73 3.26 -16.81
CA CYS C 106 21.13 4.56 -16.27
C CYS C 106 20.19 5.69 -16.69
N TYR C 107 20.22 6.81 -15.97
CA TYR C 107 19.34 7.94 -16.28
C TYR C 107 20.11 9.15 -16.83
N LEU C 108 19.36 10.05 -17.44
CA LEU C 108 19.92 11.26 -18.04
C LEU C 108 19.93 12.46 -17.08
N ALA C 109 20.97 13.27 -17.19
CA ALA C 109 21.13 14.46 -16.37
C ALA C 109 22.14 15.39 -17.03
N LEU D 4 -34.47 -36.13 -12.32
CA LEU D 4 -35.08 -37.48 -12.47
C LEU D 4 -35.55 -37.78 -13.90
N THR D 5 -35.43 -36.80 -14.80
CA THR D 5 -35.85 -36.97 -16.20
C THR D 5 -35.01 -36.10 -17.15
N LYS D 6 -34.91 -36.53 -18.41
CA LYS D 6 -34.17 -35.78 -19.42
C LYS D 6 -35.14 -35.00 -20.29
N VAL D 7 -34.93 -33.70 -20.43
CA VAL D 7 -35.80 -32.87 -21.27
C VAL D 7 -34.92 -32.02 -22.18
N LYS D 8 -35.06 -32.21 -23.50
CA LYS D 8 -34.25 -31.44 -24.43
C LYS D 8 -34.28 -29.96 -24.09
N LEU D 9 -33.12 -29.31 -24.24
CA LEU D 9 -32.97 -27.90 -23.92
C LEU D 9 -32.37 -27.21 -25.14
N CYS D 10 -31.40 -27.87 -25.75
CA CYS D 10 -30.75 -27.31 -26.91
C CYS D 10 -29.67 -28.26 -27.35
N GLN D 11 -29.09 -27.99 -28.51
CA GLN D 11 -28.02 -28.81 -29.03
C GLN D 11 -26.73 -28.16 -28.56
N LEU D 12 -25.80 -28.97 -28.09
CA LEU D 12 -24.53 -28.47 -27.58
C LEU D 12 -23.84 -27.55 -28.59
N ASP D 13 -23.83 -27.94 -29.86
CA ASP D 13 -23.14 -27.12 -30.86
C ASP D 13 -23.75 -25.74 -31.08
N ASP D 14 -24.79 -25.42 -30.29
CA ASP D 14 -25.46 -24.12 -30.36
C ASP D 14 -24.87 -23.18 -29.31
N LEU D 15 -24.08 -23.75 -28.41
CA LEU D 15 -23.47 -22.97 -27.34
C LEU D 15 -22.02 -22.62 -27.62
N MSE D 16 -21.68 -21.35 -27.54
CA MSE D 16 -20.30 -20.94 -27.75
C MSE D 16 -19.58 -20.96 -26.41
O MSE D 16 -20.00 -20.34 -25.43
CB MSE D 16 -20.23 -19.53 -28.34
CG MSE D 16 -20.22 -19.51 -29.84
SE MSE D 16 -20.47 -17.74 -30.53
CE MSE D 16 -18.62 -17.19 -30.74
N PRO D 17 -18.46 -21.70 -26.36
CA PRO D 17 -17.68 -21.80 -25.12
C PRO D 17 -17.53 -20.49 -24.38
N PHE D 18 -17.70 -20.57 -23.06
CA PHE D 18 -17.57 -19.42 -22.15
C PHE D 18 -18.55 -18.28 -22.37
N ILE D 19 -19.33 -18.34 -23.44
CA ILE D 19 -20.31 -17.29 -23.72
C ILE D 19 -21.72 -17.75 -23.37
N GLY D 20 -22.41 -16.94 -22.59
CA GLY D 20 -23.76 -17.29 -22.19
C GLY D 20 -24.85 -17.04 -23.22
N ALA D 21 -25.82 -17.96 -23.24
CA ALA D 21 -26.98 -17.89 -24.13
C ALA D 21 -28.24 -18.01 -23.27
N THR D 22 -29.35 -17.44 -23.72
CA THR D 22 -30.59 -17.48 -22.97
C THR D 22 -31.55 -18.53 -23.48
N VAL D 23 -32.32 -19.14 -22.56
CA VAL D 23 -33.34 -20.13 -22.92
C VAL D 23 -34.41 -20.06 -21.85
N LEU D 24 -35.59 -20.61 -22.16
CA LEU D 24 -36.71 -20.63 -21.22
C LEU D 24 -36.98 -22.05 -20.77
N ILE D 25 -36.82 -22.32 -19.48
CA ILE D 25 -37.10 -23.64 -18.94
C ILE D 25 -38.45 -23.51 -18.25
N GLU D 26 -39.48 -23.92 -18.97
CA GLU D 26 -40.83 -23.83 -18.44
C GLU D 26 -41.14 -22.44 -17.89
N GLY D 27 -41.01 -21.45 -18.76
CA GLY D 27 -41.30 -20.06 -18.41
C GLY D 27 -40.23 -19.28 -17.69
N GLU D 28 -39.35 -19.99 -16.97
CA GLU D 28 -38.29 -19.32 -16.23
C GLU D 28 -37.12 -18.94 -17.12
N ARG D 29 -36.63 -17.72 -16.90
CA ARG D 29 -35.53 -17.16 -17.67
C ARG D 29 -34.19 -17.71 -17.19
N VAL D 30 -33.56 -18.52 -18.03
CA VAL D 30 -32.27 -19.14 -17.70
C VAL D 30 -31.16 -18.71 -18.67
N ALA D 31 -29.92 -18.93 -18.26
CA ALA D 31 -28.78 -18.59 -19.09
C ALA D 31 -27.73 -19.69 -19.02
N LEU D 32 -27.57 -20.44 -20.12
CA LEU D 32 -26.61 -21.53 -20.19
C LEU D 32 -25.19 -21.07 -20.48
N PHE D 33 -24.22 -21.76 -19.87
CA PHE D 33 -22.81 -21.44 -20.09
C PHE D 33 -22.00 -22.69 -20.37
N TYR D 34 -21.55 -22.84 -21.61
CA TYR D 34 -20.75 -24.00 -21.98
C TYR D 34 -19.29 -23.79 -21.57
N ILE D 35 -18.83 -24.54 -20.57
CA ILE D 35 -17.45 -24.49 -20.10
C ILE D 35 -16.92 -25.82 -20.64
N PRO D 36 -16.30 -25.79 -21.83
CA PRO D 36 -15.74 -26.95 -22.52
C PRO D 36 -15.44 -28.26 -21.79
N ASP D 37 -14.41 -28.28 -20.96
CA ASP D 37 -14.05 -29.51 -20.28
C ASP D 37 -14.77 -29.76 -18.95
N SER D 38 -15.90 -29.10 -18.72
CA SER D 38 -16.64 -29.29 -17.46
C SER D 38 -18.15 -29.53 -17.61
N GLY D 39 -18.69 -29.29 -18.80
CA GLY D 39 -20.12 -29.47 -19.02
C GLY D 39 -20.76 -28.10 -19.14
N VAL D 40 -22.08 -28.04 -19.37
CA VAL D 40 -22.75 -26.75 -19.49
C VAL D 40 -23.47 -26.39 -18.20
N TYR D 41 -23.37 -25.13 -17.79
CA TYR D 41 -24.04 -24.72 -16.55
C TYR D 41 -25.30 -23.90 -16.82
N ALA D 42 -26.34 -24.12 -16.01
CA ALA D 42 -27.59 -23.38 -16.15
C ALA D 42 -27.82 -22.47 -14.94
N VAL D 43 -28.08 -21.18 -15.20
CA VAL D 43 -28.31 -20.20 -14.15
C VAL D 43 -29.44 -19.25 -14.53
N GLN D 44 -30.14 -18.68 -13.55
CA GLN D 44 -31.21 -17.73 -13.86
C GLN D 44 -30.53 -16.55 -14.56
N ASP D 45 -31.19 -15.98 -15.54
CA ASP D 45 -30.62 -14.86 -16.26
C ASP D 45 -30.88 -13.56 -15.49
N TRP D 46 -31.75 -13.64 -14.48
CA TRP D 46 -32.08 -12.49 -13.66
C TRP D 46 -31.06 -12.25 -12.53
N ASP D 47 -30.37 -11.11 -12.63
CA ASP D 47 -29.36 -10.65 -11.68
C ASP D 47 -30.10 -10.09 -10.46
N PRO D 48 -30.17 -10.89 -9.39
CA PRO D 48 -30.87 -10.46 -8.16
C PRO D 48 -30.34 -9.18 -7.52
N ILE D 49 -29.09 -8.86 -7.80
CA ILE D 49 -28.53 -7.66 -7.22
C ILE D 49 -28.82 -6.43 -8.09
N GLY D 50 -28.63 -6.58 -9.40
CA GLY D 50 -28.88 -5.48 -10.32
C GLY D 50 -30.30 -5.39 -10.79
N LYS D 51 -31.05 -6.48 -10.65
CA LYS D 51 -32.45 -6.47 -11.05
C LYS D 51 -32.71 -6.34 -12.55
N ALA D 52 -32.15 -7.25 -13.34
CA ALA D 52 -32.37 -7.23 -14.78
C ALA D 52 -31.93 -8.57 -15.39
N TYR D 53 -32.52 -8.95 -16.53
CA TYR D 53 -32.16 -10.20 -17.20
C TYR D 53 -30.88 -9.95 -17.98
N VAL D 54 -29.73 -10.07 -17.30
CA VAL D 54 -28.45 -9.81 -17.94
C VAL D 54 -27.34 -10.81 -17.63
N MSE D 55 -27.62 -11.84 -16.84
CA MSE D 55 -26.58 -12.80 -16.51
C MSE D 55 -25.90 -13.46 -17.70
O MSE D 55 -24.70 -13.75 -17.64
CB MSE D 55 -27.12 -13.86 -15.56
CG MSE D 55 -27.40 -13.36 -14.13
SE MSE D 55 -25.97 -12.25 -13.29
CE MSE D 55 -24.64 -13.63 -13.01
N SER D 56 -26.64 -13.66 -18.77
CA SER D 56 -26.08 -14.30 -19.96
C SER D 56 -25.07 -13.43 -20.69
N ARG D 57 -24.92 -12.19 -20.23
CA ARG D 57 -23.99 -11.24 -20.85
C ARG D 57 -22.71 -11.11 -20.01
N GLY D 58 -22.65 -11.82 -18.90
CA GLY D 58 -21.48 -11.75 -18.06
C GLY D 58 -20.24 -12.38 -18.66
N ILE D 59 -19.10 -12.06 -18.04
CA ILE D 59 -17.81 -12.58 -18.44
C ILE D 59 -17.48 -13.72 -17.49
N VAL D 60 -16.93 -14.81 -17.99
CA VAL D 60 -16.61 -15.91 -17.10
C VAL D 60 -15.11 -16.07 -16.88
N GLY D 61 -14.72 -16.13 -15.61
CA GLY D 61 -13.32 -16.28 -15.26
C GLY D 61 -13.15 -17.13 -14.02
N ASP D 62 -11.90 -17.46 -13.69
CA ASP D 62 -11.64 -18.30 -12.54
C ASP D 62 -11.35 -17.56 -11.24
N ILE D 63 -12.03 -17.95 -10.17
CA ILE D 63 -11.82 -17.36 -8.86
C ILE D 63 -11.77 -18.48 -7.81
N ASN D 64 -10.54 -18.75 -7.34
CA ASN D 64 -10.26 -19.77 -6.33
C ASN D 64 -10.88 -21.14 -6.57
N GLY D 65 -10.49 -21.78 -7.66
CA GLY D 65 -11.02 -23.11 -7.97
C GLY D 65 -12.34 -23.15 -8.72
N GLU D 66 -13.28 -22.30 -8.32
CA GLU D 66 -14.59 -22.26 -8.96
C GLU D 66 -14.71 -21.39 -10.21
N MSE D 67 -15.45 -21.92 -11.18
CA MSE D 67 -15.72 -21.23 -12.44
C MSE D 67 -16.94 -20.33 -12.20
O MSE D 67 -17.95 -20.80 -11.64
CB MSE D 67 -16.03 -22.26 -13.52
CG MSE D 67 -16.04 -21.73 -14.94
SE MSE D 67 -14.31 -21.06 -15.49
CE MSE D 67 -14.86 -19.34 -16.19
N CYS D 68 -16.88 -19.06 -12.59
CA CYS D 68 -18.01 -18.18 -12.34
C CYS D 68 -18.23 -17.01 -13.32
N VAL D 69 -19.46 -16.53 -13.35
CA VAL D 69 -19.83 -15.42 -14.21
C VAL D 69 -20.02 -14.17 -13.40
N ALA D 70 -19.65 -13.04 -13.97
CA ALA D 70 -19.77 -11.77 -13.28
C ALA D 70 -20.84 -10.89 -13.93
N SER D 71 -21.80 -10.45 -13.12
CA SER D 71 -22.88 -9.60 -13.61
C SER D 71 -22.36 -8.38 -14.33
N PRO D 72 -22.84 -8.15 -15.56
CA PRO D 72 -22.43 -7.00 -16.37
C PRO D 72 -22.86 -5.68 -15.72
N LEU D 73 -23.71 -5.77 -14.70
CA LEU D 73 -24.20 -4.57 -14.02
C LEU D 73 -23.28 -4.04 -12.93
N TYR D 74 -23.33 -4.66 -11.74
CA TYR D 74 -22.51 -4.19 -10.64
C TYR D 74 -21.30 -5.03 -10.29
N LYS D 75 -20.79 -5.76 -11.28
CA LYS D 75 -19.60 -6.60 -11.17
C LYS D 75 -19.50 -7.72 -10.12
N GLN D 76 -20.60 -8.08 -9.47
CA GLN D 76 -20.53 -9.17 -8.49
C GLN D 76 -20.09 -10.46 -9.19
N HIS D 77 -19.61 -11.43 -8.43
CA HIS D 77 -19.18 -12.69 -9.02
C HIS D 77 -20.00 -13.89 -8.51
N PHE D 78 -20.79 -14.48 -9.39
CA PHE D 78 -21.59 -15.64 -9.01
C PHE D 78 -20.94 -16.92 -9.54
N SER D 79 -20.91 -17.96 -8.71
CA SER D 79 -20.33 -19.25 -9.08
C SER D 79 -21.33 -20.07 -9.91
N LEU D 80 -20.84 -20.80 -10.90
CA LEU D 80 -21.72 -21.63 -11.72
C LEU D 80 -21.95 -22.97 -10.99
N LYS D 81 -23.09 -23.60 -11.22
CA LYS D 81 -23.39 -24.88 -10.55
C LYS D 81 -23.20 -24.66 -9.05
N SER D 82 -23.89 -23.66 -8.53
CA SER D 82 -23.87 -23.28 -7.12
C SER D 82 -24.75 -22.06 -7.04
N GLY D 83 -24.38 -21.05 -7.81
CA GLY D 83 -25.13 -19.82 -7.86
C GLY D 83 -24.78 -18.85 -6.75
N GLN D 84 -24.07 -19.35 -5.74
CA GLN D 84 -23.69 -18.52 -4.60
C GLN D 84 -22.87 -17.30 -5.00
N CYS D 85 -23.12 -16.19 -4.33
CA CYS D 85 -22.43 -14.95 -4.62
C CYS D 85 -21.05 -14.85 -3.93
N LEU D 86 -20.23 -13.93 -4.40
CA LEU D 86 -18.91 -13.69 -3.84
C LEU D 86 -18.80 -12.22 -3.43
N GLU D 87 -19.52 -11.89 -2.37
CA GLU D 87 -19.57 -10.55 -1.80
C GLU D 87 -20.76 -10.54 -0.86
N ASP D 88 -21.67 -11.49 -1.04
CA ASP D 88 -22.86 -11.58 -0.18
C ASP D 88 -23.28 -12.99 0.22
N GLU D 89 -23.45 -13.16 1.52
CA GLU D 89 -23.90 -14.43 2.07
C GLU D 89 -25.26 -14.60 1.41
N ALA D 90 -25.92 -13.46 1.21
CA ALA D 90 -27.24 -13.41 0.59
C ALA D 90 -27.07 -13.41 -0.93
N HIS D 91 -28.19 -13.40 -1.66
CA HIS D 91 -28.15 -13.41 -3.12
C HIS D 91 -27.45 -14.64 -3.68
N CYS D 92 -28.24 -15.58 -4.20
CA CYS D 92 -27.71 -16.79 -4.82
C CYS D 92 -28.59 -17.08 -6.02
N LEU D 93 -27.96 -17.40 -7.15
CA LEU D 93 -28.68 -17.70 -8.39
C LEU D 93 -29.26 -19.12 -8.44
N LYS D 94 -30.52 -19.23 -8.82
CA LYS D 94 -31.15 -20.54 -8.93
C LYS D 94 -30.38 -21.28 -10.03
N THR D 95 -30.17 -22.59 -9.86
CA THR D 95 -29.43 -23.33 -10.86
C THR D 95 -30.20 -24.57 -11.28
N TRP D 96 -29.89 -25.04 -12.49
CA TRP D 96 -30.54 -26.21 -13.04
C TRP D 96 -29.50 -27.29 -13.37
N ARG D 97 -29.83 -28.53 -13.10
CA ARG D 97 -28.90 -29.62 -13.40
C ARG D 97 -29.02 -29.94 -14.89
N VAL D 98 -27.90 -29.80 -15.61
CA VAL D 98 -27.88 -30.04 -17.05
C VAL D 98 -27.14 -31.31 -17.40
N THR D 99 -27.54 -31.94 -18.50
CA THR D 99 -26.89 -33.16 -18.92
C THR D 99 -26.55 -33.10 -20.39
N VAL D 100 -25.39 -33.63 -20.74
CA VAL D 100 -24.98 -33.66 -22.12
C VAL D 100 -24.74 -35.12 -22.51
N ASP D 101 -25.08 -35.44 -23.75
CA ASP D 101 -24.91 -36.80 -24.27
C ASP D 101 -23.99 -36.77 -25.49
N ASP D 102 -24.54 -36.91 -26.70
CA ASP D 102 -23.68 -36.83 -27.87
C ASP D 102 -23.38 -35.34 -27.94
N ASN D 103 -24.43 -34.59 -28.25
CA ASN D 103 -24.36 -33.13 -28.32
C ASN D 103 -25.78 -32.65 -28.06
N GLN D 104 -26.55 -33.48 -27.38
CA GLN D 104 -27.92 -33.15 -27.02
C GLN D 104 -27.94 -32.69 -25.56
N VAL D 105 -28.29 -31.44 -25.33
CA VAL D 105 -28.33 -30.90 -23.97
C VAL D 105 -29.74 -30.98 -23.36
N CYS D 106 -29.82 -31.47 -22.13
CA CYS D 106 -31.10 -31.59 -21.45
C CYS D 106 -31.00 -31.22 -19.96
N TYR D 107 -32.09 -30.75 -19.37
CA TYR D 107 -32.09 -30.45 -17.94
C TYR D 107 -32.80 -31.60 -17.22
N LEU D 108 -32.65 -31.67 -15.90
CA LEU D 108 -33.27 -32.77 -15.14
C LEU D 108 -34.51 -32.37 -14.37
N ALA D 109 -35.67 -32.70 -14.92
CA ALA D 109 -36.95 -32.39 -14.30
C ALA D 109 -37.14 -33.22 -13.03
N LEU E 4 48.54 -8.47 -30.93
CA LEU E 4 47.44 -9.12 -31.70
C LEU E 4 46.95 -10.39 -31.03
N THR E 5 47.89 -11.16 -30.48
CA THR E 5 47.57 -12.44 -29.83
C THR E 5 47.20 -12.35 -28.35
N LYS E 6 46.38 -13.30 -27.91
CA LYS E 6 45.93 -13.35 -26.53
C LYS E 6 46.68 -14.44 -25.76
N VAL E 7 47.28 -14.07 -24.64
CA VAL E 7 48.00 -15.03 -23.82
C VAL E 7 47.17 -15.31 -22.60
N LYS E 8 46.98 -16.58 -22.25
CA LYS E 8 46.21 -16.88 -21.06
C LYS E 8 46.86 -16.08 -19.94
N LEU E 9 46.07 -15.70 -18.93
CA LEU E 9 46.61 -14.95 -17.79
C LEU E 9 46.14 -15.61 -16.51
N CYS E 10 44.85 -15.96 -16.48
CA CYS E 10 44.25 -16.65 -15.33
C CYS E 10 42.75 -16.77 -15.53
N GLN E 11 42.08 -17.35 -14.54
CA GLN E 11 40.64 -17.54 -14.57
C GLN E 11 39.93 -16.37 -13.88
N LEU E 12 38.78 -15.97 -14.41
CA LEU E 12 38.03 -14.86 -13.81
C LEU E 12 37.78 -15.08 -12.30
N ASP E 13 37.35 -16.28 -11.91
CA ASP E 13 37.08 -16.50 -10.50
C ASP E 13 38.33 -16.68 -9.65
N ASP E 14 39.49 -16.46 -10.26
CA ASP E 14 40.74 -16.50 -9.52
C ASP E 14 40.83 -15.10 -8.93
N LEU E 15 39.94 -14.23 -9.41
CA LEU E 15 39.90 -12.82 -9.00
C LEU E 15 38.67 -12.48 -8.16
N MSE E 16 38.90 -11.69 -7.12
CA MSE E 16 37.83 -11.25 -6.24
C MSE E 16 37.46 -9.81 -6.63
O MSE E 16 38.31 -8.92 -6.62
CB MSE E 16 38.29 -11.30 -4.77
CG MSE E 16 38.67 -12.67 -4.28
SE MSE E 16 37.20 -13.97 -4.37
CE MSE E 16 37.63 -14.87 -6.02
N PRO E 17 36.18 -9.58 -6.95
CA PRO E 17 35.74 -8.23 -7.34
C PRO E 17 36.23 -7.08 -6.46
N PHE E 18 36.89 -6.11 -7.09
CA PHE E 18 37.40 -4.91 -6.44
C PHE E 18 38.65 -5.13 -5.59
N ILE E 19 39.22 -6.33 -5.69
CA ILE E 19 40.40 -6.66 -4.91
C ILE E 19 41.57 -7.09 -5.78
N GLY E 20 42.61 -6.27 -5.79
CA GLY E 20 43.79 -6.57 -6.58
C GLY E 20 44.37 -7.95 -6.42
N ALA E 21 44.98 -8.45 -7.49
CA ALA E 21 45.62 -9.75 -7.52
C ALA E 21 46.88 -9.51 -8.34
N THR E 22 48.00 -10.11 -7.93
CA THR E 22 49.24 -9.92 -8.65
C THR E 22 49.52 -11.06 -9.57
N VAL E 23 50.06 -10.72 -10.74
CA VAL E 23 50.46 -11.69 -11.75
C VAL E 23 51.71 -11.10 -12.37
N LEU E 24 52.36 -11.93 -13.18
CA LEU E 24 53.58 -11.54 -13.82
C LEU E 24 53.38 -11.58 -15.32
N ILE E 25 53.59 -10.45 -15.97
CA ILE E 25 53.46 -10.40 -17.40
C ILE E 25 54.86 -10.17 -17.90
N GLU E 26 55.46 -11.21 -18.47
CA GLU E 26 56.83 -11.15 -18.98
C GLU E 26 57.79 -10.56 -17.98
N GLY E 27 57.69 -11.01 -16.73
CA GLY E 27 58.60 -10.53 -15.70
C GLY E 27 58.40 -9.14 -15.16
N GLU E 28 57.16 -8.65 -15.24
CA GLU E 28 56.84 -7.34 -14.70
C GLU E 28 55.69 -7.50 -13.73
N ARG E 29 55.79 -6.85 -12.59
CA ARG E 29 54.75 -6.95 -11.58
C ARG E 29 53.47 -6.24 -11.99
N VAL E 30 52.39 -6.98 -12.17
CA VAL E 30 51.10 -6.42 -12.55
C VAL E 30 50.03 -6.76 -11.50
N ALA E 31 49.07 -5.86 -11.31
CA ALA E 31 47.96 -6.07 -10.39
C ALA E 31 46.65 -6.09 -11.21
N LEU E 32 45.90 -7.18 -11.13
CA LEU E 32 44.62 -7.27 -11.88
C LEU E 32 43.45 -6.85 -11.01
N PHE E 33 42.58 -6.02 -11.58
CA PHE E 33 41.40 -5.55 -10.86
C PHE E 33 40.14 -5.93 -11.60
N TYR E 34 39.26 -6.66 -10.94
CA TYR E 34 38.00 -7.08 -11.53
C TYR E 34 36.81 -6.28 -11.00
N ILE E 35 36.14 -5.54 -11.87
CA ILE E 35 34.97 -4.75 -11.49
C ILE E 35 33.76 -5.38 -12.18
N PRO E 36 32.94 -6.15 -11.42
CA PRO E 36 31.75 -6.85 -11.90
C PRO E 36 31.04 -6.42 -13.19
N ASP E 37 30.54 -5.20 -13.27
CA ASP E 37 29.83 -4.80 -14.48
C ASP E 37 30.69 -4.01 -15.46
N SER E 38 32.00 -4.22 -15.43
CA SER E 38 32.89 -3.48 -16.32
C SER E 38 34.10 -4.21 -16.91
N GLY E 39 34.47 -5.36 -16.36
CA GLY E 39 35.61 -6.08 -16.89
C GLY E 39 36.75 -6.23 -15.90
N VAL E 40 37.97 -6.41 -16.42
CA VAL E 40 39.16 -6.56 -15.59
C VAL E 40 40.30 -5.66 -16.07
N TYR E 41 40.89 -4.88 -15.15
CA TYR E 41 41.97 -3.95 -15.50
C TYR E 41 43.35 -4.31 -14.94
N ALA E 42 44.38 -3.96 -15.71
CA ALA E 42 45.79 -4.24 -15.34
C ALA E 42 46.60 -2.98 -15.16
N VAL E 43 47.12 -2.81 -13.95
CA VAL E 43 47.94 -1.66 -13.63
C VAL E 43 49.22 -2.22 -13.04
N GLN E 44 50.34 -1.55 -13.25
CA GLN E 44 51.61 -2.02 -12.71
C GLN E 44 51.45 -2.15 -11.19
N ASP E 45 52.14 -3.11 -10.58
CA ASP E 45 51.98 -3.26 -9.14
C ASP E 45 52.89 -2.31 -8.38
N TRP E 46 53.98 -1.90 -8.99
CA TRP E 46 54.90 -0.98 -8.31
C TRP E 46 54.30 0.41 -8.16
N ASP E 47 54.29 0.92 -6.91
CA ASP E 47 53.74 2.24 -6.65
C ASP E 47 54.81 3.28 -6.96
N PRO E 48 54.64 4.01 -8.09
CA PRO E 48 55.59 5.04 -8.52
C PRO E 48 55.96 6.09 -7.48
N ILE E 49 55.05 6.40 -6.54
CA ILE E 49 55.45 7.38 -5.54
C ILE E 49 55.87 6.73 -4.21
N GLY E 50 55.18 5.67 -3.80
CA GLY E 50 55.51 5.00 -2.55
C GLY E 50 56.79 4.16 -2.59
N LYS E 51 57.03 3.55 -3.74
CA LYS E 51 58.22 2.74 -3.97
C LYS E 51 58.14 1.33 -3.42
N ALA E 52 57.02 0.68 -3.65
CA ALA E 52 56.87 -0.70 -3.23
C ALA E 52 55.80 -1.37 -4.06
N TYR E 53 55.89 -2.69 -4.22
CA TYR E 53 54.88 -3.45 -4.97
C TYR E 53 53.77 -3.49 -3.95
N VAL E 54 52.70 -2.72 -4.20
CA VAL E 54 51.65 -2.65 -3.22
C VAL E 54 50.29 -2.26 -3.82
N MSE E 55 50.29 -1.91 -5.11
CA MSE E 55 49.04 -1.51 -5.77
C MSE E 55 47.95 -2.54 -5.69
O MSE E 55 46.77 -2.19 -5.59
CB MSE E 55 49.29 -1.14 -7.22
CG MSE E 55 50.12 0.12 -7.40
SE MSE E 55 49.59 1.60 -6.22
CE MSE E 55 48.07 2.27 -7.23
N SER E 56 48.30 -3.82 -5.72
CA SER E 56 47.24 -4.82 -5.66
C SER E 56 46.49 -4.76 -4.33
N ARG E 57 47.07 -4.09 -3.34
CA ARG E 57 46.46 -4.00 -2.01
C ARG E 57 45.72 -2.68 -1.75
N GLY E 58 45.62 -1.82 -2.75
CA GLY E 58 44.92 -0.56 -2.55
C GLY E 58 43.42 -0.71 -2.67
N ILE E 59 42.68 0.16 -1.99
CA ILE E 59 41.22 0.13 -2.04
C ILE E 59 40.74 0.86 -3.30
N VAL E 60 39.81 0.25 -4.04
CA VAL E 60 39.30 0.89 -5.24
C VAL E 60 38.07 1.72 -4.90
N GLY E 61 37.88 2.83 -5.61
CA GLY E 61 36.75 3.68 -5.35
C GLY E 61 36.21 4.49 -6.52
N ASP E 62 34.89 4.58 -6.58
CA ASP E 62 34.22 5.34 -7.62
C ASP E 62 34.45 6.81 -7.29
N ILE E 63 35.27 7.49 -8.08
CA ILE E 63 35.56 8.90 -7.85
C ILE E 63 34.57 9.79 -8.62
N ASN E 64 34.82 10.04 -9.90
CA ASN E 64 33.89 10.85 -10.68
C ASN E 64 33.12 9.91 -11.61
N GLY E 65 32.46 8.90 -11.03
CA GLY E 65 31.74 7.93 -11.85
C GLY E 65 32.79 7.18 -12.64
N GLU E 66 33.89 6.89 -11.96
CA GLU E 66 35.03 6.21 -12.56
C GLU E 66 35.78 5.41 -11.49
N MSE E 67 36.23 4.21 -11.83
CA MSE E 67 36.97 3.38 -10.88
C MSE E 67 38.43 3.78 -10.73
O MSE E 67 39.16 3.92 -11.72
CB MSE E 67 36.85 1.93 -11.28
CG MSE E 67 35.45 1.40 -11.10
SE MSE E 67 34.85 1.60 -9.26
CE MSE E 67 35.58 -0.04 -8.53
N CYS E 68 38.86 3.97 -9.49
CA CYS E 68 40.23 4.35 -9.19
C CYS E 68 40.73 3.52 -8.02
N VAL E 69 42.03 3.24 -8.00
CA VAL E 69 42.63 2.50 -6.90
C VAL E 69 43.54 3.46 -6.13
N ALA E 70 43.53 3.36 -4.81
CA ALA E 70 44.35 4.24 -3.99
C ALA E 70 45.53 3.48 -3.39
N SER E 71 46.71 4.08 -3.43
CA SER E 71 47.89 3.43 -2.86
C SER E 71 47.74 3.36 -1.34
N PRO E 72 47.96 2.17 -0.75
CA PRO E 72 47.85 2.01 0.70
C PRO E 72 49.02 2.66 1.40
N LEU E 73 49.98 3.12 0.61
CA LEU E 73 51.14 3.77 1.18
C LEU E 73 50.83 5.22 1.54
N TYR E 74 50.87 6.10 0.55
CA TYR E 74 50.61 7.51 0.79
C TYR E 74 49.23 8.00 0.32
N LYS E 75 48.35 7.03 0.06
CA LYS E 75 46.97 7.30 -0.34
C LYS E 75 46.61 7.98 -1.67
N GLN E 76 47.56 8.21 -2.56
CA GLN E 76 47.20 8.82 -3.86
C GLN E 76 46.24 7.90 -4.66
N HIS E 77 45.40 8.50 -5.49
CA HIS E 77 44.43 7.74 -6.30
C HIS E 77 44.86 7.57 -7.75
N PHE E 78 44.75 6.36 -8.27
CA PHE E 78 45.13 6.10 -9.67
C PHE E 78 43.94 5.54 -10.47
N SER E 79 43.81 5.94 -11.73
CA SER E 79 42.71 5.45 -12.56
C SER E 79 43.00 4.06 -13.15
N LEU E 80 42.07 3.12 -13.04
CA LEU E 80 42.27 1.80 -13.63
C LEU E 80 42.06 1.97 -15.12
N LYS E 81 42.84 1.25 -15.92
CA LYS E 81 42.74 1.39 -17.38
C LYS E 81 42.84 2.89 -17.65
N SER E 82 44.07 3.37 -17.62
CA SER E 82 44.42 4.76 -17.81
C SER E 82 45.72 4.89 -17.06
N GLY E 83 45.68 4.47 -15.80
CA GLY E 83 46.85 4.53 -14.96
C GLY E 83 47.07 5.87 -14.30
N GLN E 84 46.53 6.92 -14.91
CA GLN E 84 46.70 8.27 -14.41
C GLN E 84 46.38 8.50 -12.94
N CYS E 85 47.34 9.14 -12.26
CA CYS E 85 47.23 9.48 -10.85
C CYS E 85 46.50 10.81 -10.73
N LEU E 86 45.34 10.80 -10.07
CA LEU E 86 44.51 11.99 -9.93
C LEU E 86 45.13 13.21 -9.24
N GLU E 87 45.94 13.03 -8.20
CA GLU E 87 46.52 14.19 -7.52
C GLU E 87 47.94 14.57 -7.95
N ASP E 88 48.34 14.15 -9.15
CA ASP E 88 49.66 14.45 -9.68
C ASP E 88 49.72 13.92 -11.10
N GLU E 89 49.66 14.81 -12.08
CA GLU E 89 49.67 14.40 -13.48
C GLU E 89 51.00 13.83 -13.96
N ALA E 90 52.05 14.04 -13.17
CA ALA E 90 53.37 13.55 -13.51
C ALA E 90 53.57 12.07 -13.19
N HIS E 91 52.61 11.49 -12.48
CA HIS E 91 52.67 10.08 -12.12
C HIS E 91 51.57 9.30 -12.81
N CYS E 92 51.93 8.17 -13.37
CA CYS E 92 50.97 7.31 -14.07
C CYS E 92 51.44 5.86 -13.98
N LEU E 93 50.50 4.94 -13.83
CA LEU E 93 50.84 3.53 -13.77
C LEU E 93 50.86 2.98 -15.18
N LYS E 94 51.82 2.09 -15.48
CA LYS E 94 51.89 1.49 -16.80
C LYS E 94 50.67 0.57 -16.84
N THR E 95 50.09 0.39 -18.02
CA THR E 95 48.89 -0.45 -18.16
C THR E 95 49.06 -1.61 -19.13
N TRP E 96 48.08 -2.50 -19.15
CA TRP E 96 48.10 -3.66 -20.04
C TRP E 96 46.70 -3.90 -20.59
N ARG E 97 46.62 -4.13 -21.90
CA ARG E 97 45.35 -4.38 -22.56
C ARG E 97 44.86 -5.79 -22.19
N VAL E 98 43.69 -5.88 -21.60
CA VAL E 98 43.15 -7.18 -21.21
C VAL E 98 41.81 -7.52 -21.88
N THR E 99 41.51 -8.80 -21.98
CA THR E 99 40.25 -9.25 -22.57
C THR E 99 39.71 -10.40 -21.76
N VAL E 100 38.39 -10.50 -21.69
CA VAL E 100 37.77 -11.59 -20.95
C VAL E 100 36.84 -12.33 -21.90
N ASP E 101 36.95 -13.67 -21.93
CA ASP E 101 36.11 -14.50 -22.76
C ASP E 101 35.88 -15.82 -22.05
N ASP E 102 34.67 -16.01 -21.55
CA ASP E 102 34.28 -17.21 -20.81
C ASP E 102 35.23 -17.55 -19.66
N ASN E 103 35.32 -16.65 -18.68
CA ASN E 103 36.17 -16.89 -17.52
C ASN E 103 37.67 -16.98 -17.78
N GLN E 104 38.09 -16.73 -19.01
CA GLN E 104 39.52 -16.78 -19.29
C GLN E 104 40.00 -15.36 -19.44
N VAL E 105 40.96 -14.97 -18.61
CA VAL E 105 41.51 -13.62 -18.66
C VAL E 105 42.80 -13.66 -19.46
N CYS E 106 42.91 -12.79 -20.47
CA CYS E 106 44.09 -12.74 -21.32
C CYS E 106 44.62 -11.32 -21.55
N TYR E 107 45.91 -11.20 -21.84
CA TYR E 107 46.51 -9.90 -22.11
C TYR E 107 46.97 -9.98 -23.55
N LEU E 108 46.87 -8.87 -24.27
CA LEU E 108 47.28 -8.82 -25.69
C LEU E 108 48.75 -8.44 -25.85
N ALA E 109 49.56 -9.34 -26.42
CA ALA E 109 51.00 -9.08 -26.61
C ALA E 109 51.38 -8.60 -28.03
N LEU F 4 11.57 4.09 31.77
CA LEU F 4 11.31 5.16 32.78
C LEU F 4 11.75 6.53 32.30
N THR F 5 11.85 6.70 30.99
CA THR F 5 12.23 7.97 30.40
C THR F 5 11.27 8.32 29.27
N LYS F 6 11.03 9.60 29.06
CA LYS F 6 10.13 10.03 28.02
C LYS F 6 10.79 10.98 27.02
N VAL F 7 10.43 10.80 25.76
CA VAL F 7 10.96 11.63 24.68
C VAL F 7 9.80 12.19 23.87
N LYS F 8 9.84 13.50 23.61
CA LYS F 8 8.80 14.18 22.84
C LYS F 8 8.71 13.55 21.46
N LEU F 9 7.51 13.20 21.05
CA LEU F 9 7.30 12.57 19.76
C LEU F 9 6.42 13.45 18.86
N CYS F 10 5.45 14.13 19.46
CA CYS F 10 4.53 14.99 18.72
C CYS F 10 3.45 15.54 19.66
N GLN F 11 2.67 16.51 19.17
CA GLN F 11 1.60 17.08 19.97
C GLN F 11 0.33 16.23 19.74
N LEU F 12 -0.41 15.96 20.81
CA LEU F 12 -1.64 15.15 20.73
C LEU F 12 -2.66 15.71 19.74
N ASP F 13 -2.88 17.02 19.73
CA ASP F 13 -3.86 17.57 18.79
C ASP F 13 -3.40 17.57 17.34
N ASP F 14 -2.31 16.85 17.05
CA ASP F 14 -1.81 16.71 15.70
C ASP F 14 -2.28 15.35 15.14
N LEU F 15 -2.88 14.55 16.01
CA LEU F 15 -3.37 13.24 15.61
C LEU F 15 -4.89 13.17 15.48
N MSE F 16 -5.36 12.72 14.32
CA MSE F 16 -6.78 12.58 14.09
C MSE F 16 -7.18 11.19 14.56
O MSE F 16 -6.62 10.18 14.13
CB MSE F 16 -7.10 12.72 12.61
CG MSE F 16 -6.75 14.08 12.09
SE MSE F 16 -7.36 14.25 10.31
CE MSE F 16 -9.28 14.35 10.65
N PRO F 17 -8.18 11.12 15.46
CA PRO F 17 -8.60 9.80 15.95
C PRO F 17 -8.82 8.77 14.86
N PHE F 18 -8.26 7.59 15.09
CA PHE F 18 -8.37 6.46 14.17
C PHE F 18 -7.63 6.57 12.85
N ILE F 19 -7.05 7.74 12.55
CA ILE F 19 -6.31 7.90 11.30
C ILE F 19 -4.80 7.97 11.54
N GLY F 20 -4.11 6.94 11.06
CA GLY F 20 -2.67 6.87 11.25
C GLY F 20 -1.84 8.05 10.82
N ALA F 21 -0.72 8.25 11.52
CA ALA F 21 0.23 9.31 11.24
C ALA F 21 1.63 8.72 11.41
N THR F 22 2.52 9.03 10.48
CA THR F 22 3.88 8.49 10.53
C THR F 22 4.91 9.39 11.21
N VAL F 23 5.73 8.79 12.05
CA VAL F 23 6.79 9.51 12.74
C VAL F 23 8.04 8.64 12.72
N LEU F 24 9.16 9.23 13.12
CA LEU F 24 10.45 8.55 13.16
C LEU F 24 10.94 8.45 14.59
N ILE F 25 11.25 7.23 15.04
CA ILE F 25 11.75 7.02 16.38
C ILE F 25 13.17 6.47 16.26
N GLU F 26 14.15 7.35 16.40
CA GLU F 26 15.57 7.00 16.28
C GLU F 26 15.87 6.19 15.02
N GLY F 27 15.30 6.62 13.90
CA GLY F 27 15.55 5.97 12.62
C GLY F 27 14.61 4.87 12.19
N GLU F 28 13.70 4.49 13.07
CA GLU F 28 12.75 3.46 12.70
C GLU F 28 11.43 4.12 12.32
N ARG F 29 10.86 3.65 11.22
CA ARG F 29 9.62 4.17 10.69
C ARG F 29 8.45 3.67 11.53
N VAL F 30 7.71 4.58 12.15
CA VAL F 30 6.61 4.22 13.02
C VAL F 30 5.28 4.88 12.65
N ALA F 31 4.20 4.15 12.83
CA ALA F 31 2.86 4.71 12.55
C ALA F 31 2.14 4.88 13.88
N LEU F 32 1.47 6.02 14.06
CA LEU F 32 0.75 6.30 15.28
C LEU F 32 -0.77 6.27 15.09
N PHE F 33 -1.48 5.80 16.12
CA PHE F 33 -2.94 5.70 16.09
C PHE F 33 -3.56 6.15 17.42
N TYR F 34 -4.41 7.17 17.35
CA TYR F 34 -5.09 7.73 18.51
C TYR F 34 -6.50 7.18 18.63
N ILE F 35 -6.75 6.38 19.68
CA ILE F 35 -8.07 5.82 19.94
C ILE F 35 -8.51 6.53 21.20
N PRO F 36 -9.34 7.57 21.05
CA PRO F 36 -9.84 8.37 22.18
C PRO F 36 -9.84 7.73 23.57
N ASP F 37 -10.74 6.78 23.79
CA ASP F 37 -10.85 6.13 25.09
C ASP F 37 -9.61 5.39 25.62
N SER F 38 -8.83 4.78 24.72
CA SER F 38 -7.68 3.98 25.14
C SER F 38 -6.26 4.49 24.85
N GLY F 39 -6.12 5.70 24.33
CA GLY F 39 -4.79 6.22 24.07
C GLY F 39 -4.28 6.10 22.64
N VAL F 40 -2.99 6.36 22.48
CA VAL F 40 -2.33 6.30 21.17
C VAL F 40 -1.33 5.15 21.12
N TYR F 41 -1.53 4.24 20.17
CA TYR F 41 -0.65 3.08 20.03
C TYR F 41 0.38 3.28 18.92
N ALA F 42 1.57 2.72 19.09
CA ALA F 42 2.63 2.85 18.10
C ALA F 42 3.13 1.52 17.51
N VAL F 43 2.88 1.32 16.22
CA VAL F 43 3.33 0.11 15.57
C VAL F 43 4.19 0.51 14.37
N GLN F 44 5.00 -0.41 13.86
CA GLN F 44 5.85 -0.10 12.73
C GLN F 44 4.97 0.26 11.54
N ASP F 45 5.48 1.07 10.62
CA ASP F 45 4.69 1.47 9.47
C ASP F 45 4.93 0.56 8.29
N TRP F 46 5.93 -0.31 8.40
CA TRP F 46 6.25 -1.24 7.31
C TRP F 46 5.51 -2.57 7.42
N ASP F 47 4.63 -2.80 6.44
CA ASP F 47 3.82 -4.02 6.32
C ASP F 47 4.70 -5.21 5.95
N PRO F 48 4.96 -6.12 6.92
CA PRO F 48 5.80 -7.30 6.71
C PRO F 48 5.24 -8.37 5.79
N ILE F 49 4.00 -8.19 5.33
CA ILE F 49 3.38 -9.16 4.45
C ILE F 49 3.04 -8.54 3.11
N GLY F 50 3.44 -7.29 2.91
CA GLY F 50 3.17 -6.59 1.67
C GLY F 50 4.44 -5.94 1.18
N LYS F 51 5.33 -5.67 2.12
CA LYS F 51 6.63 -5.06 1.85
C LYS F 51 6.53 -3.62 1.38
N ALA F 52 6.16 -2.74 2.30
CA ALA F 52 6.03 -1.30 2.01
C ALA F 52 5.61 -0.59 3.28
N TYR F 53 5.78 0.72 3.31
CA TYR F 53 5.38 1.52 4.47
C TYR F 53 3.97 2.01 4.20
N VAL F 54 2.98 1.32 4.75
CA VAL F 54 1.59 1.66 4.52
C VAL F 54 0.66 1.51 5.73
N MSE F 55 1.17 1.01 6.85
CA MSE F 55 0.33 0.81 8.03
C MSE F 55 -0.43 2.05 8.49
O MSE F 55 -1.58 1.96 8.92
CB MSE F 55 1.15 0.25 9.18
CG MSE F 55 1.69 -1.15 8.91
SE MSE F 55 0.42 -2.31 7.95
CE MSE F 55 -1.00 -2.38 9.28
N SER F 56 0.19 3.22 8.40
CA SER F 56 -0.47 4.45 8.83
C SER F 56 -1.61 4.83 7.90
N ARG F 57 -1.84 4.04 6.85
CA ARG F 57 -2.91 4.36 5.93
C ARG F 57 -4.01 3.31 6.01
N GLY F 58 -3.84 2.37 6.94
CA GLY F 58 -4.81 1.31 7.09
C GLY F 58 -6.02 1.65 7.92
N ILE F 59 -7.19 1.21 7.44
CA ILE F 59 -8.44 1.45 8.13
C ILE F 59 -8.42 0.69 9.45
N VAL F 60 -8.64 1.40 10.57
CA VAL F 60 -8.66 0.73 11.87
C VAL F 60 -10.10 0.42 12.23
N GLY F 61 -10.35 -0.82 12.65
CA GLY F 61 -11.68 -1.23 13.01
C GLY F 61 -11.61 -2.13 14.23
N ASP F 62 -12.72 -2.77 14.56
CA ASP F 62 -12.71 -3.64 15.72
C ASP F 62 -13.01 -5.07 15.32
N ILE F 63 -12.32 -5.99 15.97
CA ILE F 63 -12.49 -7.41 15.71
C ILE F 63 -12.49 -8.12 17.06
N ASN F 64 -13.66 -8.63 17.44
CA ASN F 64 -13.81 -9.33 18.71
C ASN F 64 -13.43 -8.45 19.90
N GLY F 65 -13.85 -7.19 19.86
CA GLY F 65 -13.55 -6.27 20.93
C GLY F 65 -12.20 -5.58 20.87
N GLU F 66 -11.18 -6.26 20.34
CA GLU F 66 -9.84 -5.69 20.25
C GLU F 66 -9.58 -4.81 19.03
N MSE F 67 -8.84 -3.72 19.24
CA MSE F 67 -8.51 -2.77 18.18
C MSE F 67 -7.49 -3.31 17.19
O MSE F 67 -6.51 -3.95 17.56
CB MSE F 67 -7.96 -1.46 18.77
CG MSE F 67 -9.03 -0.45 19.14
SE MSE F 67 -10.21 -0.11 17.63
CE MSE F 67 -8.91 0.66 16.41
N CYS F 68 -7.73 -3.03 15.90
CA CYS F 68 -6.85 -3.49 14.83
C CYS F 68 -6.70 -2.43 13.74
N VAL F 69 -5.83 -2.74 12.79
CA VAL F 69 -5.58 -1.86 11.65
C VAL F 69 -5.28 -2.80 10.48
N ALA F 70 -6.09 -2.69 9.43
CA ALA F 70 -5.93 -3.53 8.25
C ALA F 70 -4.99 -2.96 7.20
N SER F 71 -3.99 -3.74 6.83
CA SER F 71 -3.04 -3.29 5.81
C SER F 71 -3.81 -2.86 4.58
N PRO F 72 -3.42 -1.73 3.97
CA PRO F 72 -4.13 -1.28 2.77
C PRO F 72 -3.63 -2.00 1.50
N LEU F 73 -2.87 -3.07 1.70
CA LEU F 73 -2.33 -3.83 0.59
C LEU F 73 -3.00 -5.19 0.39
N TYR F 74 -2.87 -6.08 1.39
CA TYR F 74 -3.45 -7.41 1.31
C TYR F 74 -4.43 -7.69 2.44
N LYS F 75 -4.83 -6.62 3.12
CA LYS F 75 -5.80 -6.65 4.20
C LYS F 75 -5.61 -7.51 5.45
N GLN F 76 -4.41 -7.98 5.74
CA GLN F 76 -4.24 -8.77 6.96
C GLN F 76 -4.56 -7.81 8.12
N HIS F 77 -5.03 -8.34 9.25
CA HIS F 77 -5.35 -7.49 10.40
C HIS F 77 -4.32 -7.54 11.51
N PHE F 78 -3.94 -6.38 12.02
CA PHE F 78 -2.95 -6.29 13.09
C PHE F 78 -3.49 -5.61 14.35
N SER F 79 -3.10 -6.15 15.51
CA SER F 79 -3.53 -5.64 16.81
C SER F 79 -2.60 -4.54 17.33
N LEU F 80 -3.18 -3.35 17.53
CA LEU F 80 -2.43 -2.19 18.01
C LEU F 80 -1.85 -2.41 19.40
N LYS F 81 -2.32 -3.47 20.06
CA LYS F 81 -1.87 -3.81 21.40
C LYS F 81 -0.62 -4.71 21.35
N SER F 82 -0.76 -5.89 20.74
CA SER F 82 0.35 -6.85 20.65
C SER F 82 1.15 -6.72 19.36
N GLY F 83 0.44 -6.45 18.26
CA GLY F 83 1.09 -6.30 16.97
C GLY F 83 0.84 -7.56 16.13
N GLN F 84 0.32 -8.58 16.79
CA GLN F 84 0.04 -9.86 16.15
C GLN F 84 -0.91 -9.75 14.97
N CYS F 85 -0.69 -10.63 14.00
CA CYS F 85 -1.52 -10.67 12.80
C CYS F 85 -2.63 -11.72 12.98
N LEU F 86 -3.88 -11.30 12.80
CA LEU F 86 -5.01 -12.21 12.96
C LEU F 86 -4.98 -13.43 12.03
N GLU F 87 -5.02 -13.22 10.72
CA GLU F 87 -4.99 -14.36 9.79
C GLU F 87 -3.63 -15.00 9.56
N ASP F 88 -2.70 -14.84 10.50
CA ASP F 88 -1.38 -15.42 10.37
C ASP F 88 -0.57 -15.22 11.64
N GLU F 89 -0.43 -16.26 12.45
CA GLU F 89 0.30 -16.14 13.71
C GLU F 89 1.81 -16.21 13.56
N ALA F 90 2.32 -15.74 12.41
CA ALA F 90 3.76 -15.75 12.16
C ALA F 90 4.32 -14.34 12.05
N HIS F 91 3.47 -13.41 11.60
CA HIS F 91 3.85 -12.01 11.45
C HIS F 91 3.33 -11.19 12.61
N CYS F 92 4.19 -10.33 13.13
CA CYS F 92 3.82 -9.44 14.25
C CYS F 92 4.60 -8.15 14.03
N LEU F 93 3.95 -7.01 14.29
CA LEU F 93 4.58 -5.69 14.12
C LEU F 93 5.28 -5.24 15.40
N LYS F 94 6.35 -4.46 15.25
CA LYS F 94 7.06 -3.94 16.40
C LYS F 94 6.16 -2.88 17.03
N THR F 95 6.11 -2.80 18.35
CA THR F 95 5.27 -1.80 19.00
C THR F 95 6.06 -1.01 20.05
N TRP F 96 5.89 0.30 20.04
CA TRP F 96 6.56 1.16 20.99
C TRP F 96 5.55 1.58 22.03
N ARG F 97 6.00 1.78 23.27
CA ARG F 97 5.10 2.23 24.31
C ARG F 97 5.16 3.75 24.32
N VAL F 98 4.00 4.39 24.32
CA VAL F 98 3.93 5.84 24.34
C VAL F 98 2.88 6.31 25.33
N THR F 99 2.99 7.57 25.74
CA THR F 99 2.05 8.16 26.68
C THR F 99 1.76 9.62 26.38
N VAL F 100 0.73 10.14 27.04
CA VAL F 100 0.31 11.52 26.91
C VAL F 100 0.10 12.10 28.31
N ASP F 101 0.27 13.41 28.45
CA ASP F 101 0.11 14.07 29.73
C ASP F 101 -0.90 15.20 29.60
N ASP F 102 -0.68 16.04 28.59
CA ASP F 102 -1.56 17.15 28.31
C ASP F 102 -1.83 17.09 26.84
N ASN F 103 -1.05 17.87 26.10
CA ASN F 103 -1.15 17.94 24.65
C ASN F 103 0.22 17.53 24.14
N GLN F 104 0.89 16.66 24.90
CA GLN F 104 2.23 16.22 24.52
C GLN F 104 2.38 14.70 24.48
N VAL F 105 2.62 14.17 23.28
CA VAL F 105 2.80 12.73 23.10
C VAL F 105 4.28 12.37 23.21
N CYS F 106 4.60 11.33 23.96
CA CYS F 106 5.99 10.91 24.12
C CYS F 106 6.13 9.39 24.15
N TYR F 107 7.30 8.88 23.77
CA TYR F 107 7.53 7.43 23.79
C TYR F 107 8.50 7.07 24.92
N LEU F 108 8.21 5.98 25.60
CA LEU F 108 9.00 5.51 26.74
C LEU F 108 10.32 4.89 26.34
N ALA F 109 11.41 5.58 26.64
CA ALA F 109 12.74 5.07 26.31
C ALA F 109 13.18 4.06 27.37
N LEU G 4 -48.70 3.39 43.35
CA LEU G 4 -48.39 2.82 42.01
C LEU G 4 -49.65 2.77 41.13
N THR G 5 -49.49 3.10 39.85
CA THR G 5 -50.61 3.09 38.90
C THR G 5 -50.15 2.80 37.46
N LYS G 6 -51.02 3.11 36.51
CA LYS G 6 -50.73 2.90 35.11
C LYS G 6 -50.72 4.21 34.35
N VAL G 7 -49.54 4.65 33.92
CA VAL G 7 -49.45 5.88 33.16
C VAL G 7 -49.36 5.48 31.69
N LYS G 8 -50.07 6.20 30.83
CA LYS G 8 -50.09 5.89 29.40
C LYS G 8 -48.79 6.26 28.70
N LEU G 9 -48.32 5.35 27.86
CA LEU G 9 -47.12 5.58 27.08
C LEU G 9 -47.54 5.84 25.65
N CYS G 10 -47.92 4.76 24.97
CA CYS G 10 -48.32 4.80 23.57
C CYS G 10 -49.42 3.77 23.33
N GLN G 11 -49.61 3.43 22.06
CA GLN G 11 -50.61 2.45 21.65
C GLN G 11 -49.89 1.36 20.84
N LEU G 12 -50.41 0.14 20.88
CA LEU G 12 -49.79 -0.95 20.14
C LEU G 12 -49.88 -0.73 18.63
N ASP G 13 -50.70 0.22 18.21
CA ASP G 13 -50.83 0.54 16.80
C ASP G 13 -49.85 1.68 16.49
N ASP G 14 -48.79 1.73 17.29
CA ASP G 14 -47.73 2.72 17.16
C ASP G 14 -46.41 1.96 17.12
N LEU G 15 -46.44 0.74 17.65
CA LEU G 15 -45.25 -0.10 17.71
C LEU G 15 -45.24 -1.20 16.64
N MSE G 16 -44.21 -1.19 15.80
CA MSE G 16 -44.07 -2.20 14.77
C MSE G 16 -43.32 -3.35 15.41
O MSE G 16 -42.49 -3.12 16.27
CB MSE G 16 -43.29 -1.66 13.58
CG MSE G 16 -43.85 -2.13 12.25
SE MSE G 16 -45.66 -1.48 12.03
CE MSE G 16 -46.66 -3.08 12.48
N PRO G 17 -43.60 -4.59 14.98
CA PRO G 17 -42.88 -5.72 15.58
C PRO G 17 -41.38 -5.68 15.36
N PHE G 18 -40.62 -5.86 16.45
CA PHE G 18 -39.16 -5.89 16.40
C PHE G 18 -38.44 -4.59 16.06
N ILE G 19 -39.17 -3.48 16.01
CA ILE G 19 -38.57 -2.18 15.69
C ILE G 19 -38.66 -1.16 16.82
N GLY G 20 -37.51 -0.81 17.39
CA GLY G 20 -37.47 0.15 18.49
C GLY G 20 -38.17 1.47 18.27
N ALA G 21 -38.76 1.99 19.35
CA ALA G 21 -39.46 3.27 19.33
C ALA G 21 -39.12 3.95 20.66
N THR G 22 -38.73 5.21 20.63
CA THR G 22 -38.35 5.89 21.87
C THR G 22 -39.44 6.64 22.59
N VAL G 23 -39.39 6.58 23.91
CA VAL G 23 -40.34 7.29 24.75
C VAL G 23 -39.60 7.89 25.93
N LEU G 24 -40.26 8.82 26.59
CA LEU G 24 -39.69 9.50 27.74
C LEU G 24 -40.48 9.12 29.00
N ILE G 25 -39.87 8.30 29.86
CA ILE G 25 -40.50 7.90 31.11
C ILE G 25 -39.89 8.68 32.27
N GLU G 26 -40.59 9.70 32.74
CA GLU G 26 -40.12 10.56 33.83
C GLU G 26 -38.77 11.21 33.55
N GLY G 27 -38.56 11.63 32.31
CA GLY G 27 -37.31 12.29 31.99
C GLY G 27 -36.15 11.45 31.51
N GLU G 28 -36.29 10.14 31.56
CA GLU G 28 -35.22 9.27 31.09
C GLU G 28 -35.54 8.80 29.68
N ARG G 29 -34.52 8.56 28.88
CA ARG G 29 -34.78 8.17 27.49
C ARG G 29 -34.96 6.66 27.38
N VAL G 30 -36.15 6.24 26.94
CA VAL G 30 -36.47 4.82 26.85
C VAL G 30 -36.79 4.30 25.46
N ALA G 31 -36.34 3.08 25.19
CA ALA G 31 -36.57 2.41 23.90
C ALA G 31 -37.60 1.30 24.08
N LEU G 32 -38.71 1.37 23.35
CA LEU G 32 -39.73 0.32 23.43
C LEU G 32 -39.54 -0.71 22.33
N PHE G 33 -39.71 -1.98 22.68
CA PHE G 33 -39.56 -3.06 21.72
C PHE G 33 -40.75 -4.01 21.76
N TYR G 34 -41.65 -3.87 20.79
CA TYR G 34 -42.84 -4.71 20.70
C TYR G 34 -42.54 -6.08 20.12
N ILE G 35 -42.95 -7.12 20.85
CA ILE G 35 -42.75 -8.51 20.42
C ILE G 35 -44.16 -9.09 20.28
N PRO G 36 -44.48 -9.66 19.11
CA PRO G 36 -45.79 -10.24 18.82
C PRO G 36 -46.41 -11.12 19.94
N ASP G 37 -45.66 -12.12 20.38
CA ASP G 37 -46.11 -13.03 21.43
C ASP G 37 -45.93 -12.46 22.84
N SER G 38 -44.68 -12.37 23.28
CA SER G 38 -44.33 -11.85 24.60
C SER G 38 -45.04 -10.54 24.90
N GLY G 39 -44.55 -9.45 24.31
CA GLY G 39 -45.15 -8.16 24.52
C GLY G 39 -44.16 -7.01 24.37
N VAL G 40 -44.54 -5.84 24.87
CA VAL G 40 -43.69 -4.65 24.78
C VAL G 40 -42.56 -4.66 25.83
N TYR G 41 -41.34 -4.37 25.39
CA TYR G 41 -40.18 -4.33 26.29
C TYR G 41 -39.52 -2.95 26.37
N ALA G 42 -39.07 -2.57 27.56
CA ALA G 42 -38.44 -1.26 27.78
C ALA G 42 -37.01 -1.29 28.33
N VAL G 43 -36.10 -0.66 27.59
CA VAL G 43 -34.69 -0.57 27.96
C VAL G 43 -34.20 0.85 27.60
N GLN G 44 -33.24 1.37 28.38
CA GLN G 44 -32.73 2.71 28.10
C GLN G 44 -32.21 2.86 26.67
N ASP G 45 -32.54 3.99 26.03
CA ASP G 45 -32.16 4.29 24.66
C ASP G 45 -30.72 4.80 24.56
N TRP G 46 -30.07 5.01 25.69
CA TRP G 46 -28.69 5.48 25.67
C TRP G 46 -27.74 4.30 25.65
N ASP G 47 -26.90 4.21 24.61
CA ASP G 47 -25.94 3.12 24.49
C ASP G 47 -24.75 3.38 25.45
N PRO G 48 -24.67 2.62 26.56
CA PRO G 48 -23.60 2.77 27.55
C PRO G 48 -22.16 2.64 27.03
N ILE G 49 -22.03 2.22 25.78
CA ILE G 49 -20.74 2.08 25.10
C ILE G 49 -20.98 2.82 23.79
N GLY G 50 -20.07 3.71 23.40
CA GLY G 50 -20.30 4.44 22.16
C GLY G 50 -21.04 5.74 22.44
N LYS G 51 -21.53 5.86 23.67
CA LYS G 51 -22.21 7.04 24.20
C LYS G 51 -23.13 7.82 23.27
N ALA G 52 -24.38 7.36 23.15
CA ALA G 52 -25.35 8.03 22.29
C ALA G 52 -26.74 7.39 22.41
N TYR G 53 -27.77 8.17 22.12
CA TYR G 53 -29.16 7.70 22.15
C TYR G 53 -29.44 6.97 20.83
N VAL G 54 -29.10 5.68 20.78
CA VAL G 54 -29.24 4.90 19.54
C VAL G 54 -29.85 3.50 19.71
N MSE G 55 -30.06 3.06 20.95
CA MSE G 55 -30.60 1.73 21.25
C MSE G 55 -31.90 1.27 20.62
O MSE G 55 -32.14 0.07 20.52
CB MSE G 55 -30.73 1.57 22.77
CG MSE G 55 -30.09 0.32 23.30
SE MSE G 55 -28.27 0.12 22.67
CE MSE G 55 -28.52 -1.48 21.61
N SER G 56 -32.74 2.19 20.20
CA SER G 56 -33.99 1.76 19.59
C SER G 56 -33.75 1.49 18.11
N ARG G 57 -32.68 2.05 17.58
CA ARG G 57 -32.35 1.87 16.18
C ARG G 57 -31.61 0.55 16.03
N GLY G 58 -31.56 -0.24 17.10
CA GLY G 58 -30.84 -1.50 17.07
C GLY G 58 -31.64 -2.69 16.56
N ILE G 59 -30.94 -3.65 15.98
CA ILE G 59 -31.57 -4.85 15.44
C ILE G 59 -31.82 -5.84 16.58
N VAL G 60 -33.05 -6.33 16.70
CA VAL G 60 -33.40 -7.31 17.74
C VAL G 60 -33.08 -8.70 17.21
N GLY G 61 -32.46 -9.54 18.04
CA GLY G 61 -32.10 -10.88 17.61
C GLY G 61 -32.35 -11.98 18.63
N ASP G 62 -31.51 -13.00 18.60
CA ASP G 62 -31.66 -14.11 19.51
C ASP G 62 -30.41 -14.98 19.43
N ILE G 63 -29.71 -15.12 20.54
CA ILE G 63 -28.50 -15.94 20.57
C ILE G 63 -28.74 -17.28 21.26
N ASN G 64 -28.57 -17.30 22.57
CA ASN G 64 -28.77 -18.53 23.33
C ASN G 64 -30.28 -18.78 23.52
N GLY G 65 -31.06 -18.48 22.49
CA GLY G 65 -32.49 -18.68 22.59
C GLY G 65 -33.21 -17.52 23.28
N GLU G 66 -32.44 -16.62 23.88
CA GLU G 66 -33.04 -15.48 24.56
C GLU G 66 -33.15 -14.27 23.62
N MSE G 67 -34.15 -13.43 23.89
CA MSE G 67 -34.41 -12.24 23.08
C MSE G 67 -33.48 -11.08 23.51
O MSE G 67 -33.24 -10.90 24.71
CB MSE G 67 -35.87 -11.82 23.23
CG MSE G 67 -36.35 -10.84 22.19
SE MSE G 67 -36.26 -11.60 20.42
CE MSE G 67 -38.06 -12.29 20.28
N CYS G 68 -32.97 -10.33 22.54
CA CYS G 68 -32.07 -9.22 22.83
C CYS G 68 -31.95 -8.23 21.68
N VAL G 69 -31.29 -7.10 21.93
CA VAL G 69 -31.10 -6.07 20.91
C VAL G 69 -29.61 -5.80 20.66
N ALA G 70 -29.27 -5.41 19.44
CA ALA G 70 -27.87 -5.12 19.09
C ALA G 70 -27.66 -3.64 18.76
N SER G 71 -26.62 -3.04 19.33
CA SER G 71 -26.35 -1.62 19.09
C SER G 71 -25.92 -1.29 17.67
N PRO G 72 -26.45 -0.19 17.10
CA PRO G 72 -26.12 0.24 15.75
C PRO G 72 -24.69 0.74 15.61
N LEU G 73 -24.11 1.21 16.72
CA LEU G 73 -22.75 1.72 16.72
C LEU G 73 -21.69 0.62 16.73
N TYR G 74 -21.09 0.37 17.89
CA TYR G 74 -20.05 -0.64 18.03
C TYR G 74 -20.60 -2.08 18.04
N LYS G 75 -21.92 -2.20 17.95
CA LYS G 75 -22.65 -3.47 17.90
C LYS G 75 -22.43 -4.55 18.97
N GLN G 76 -23.07 -4.34 20.12
CA GLN G 76 -23.03 -5.26 21.26
C GLN G 76 -24.47 -5.69 21.54
N HIS G 77 -24.64 -6.92 22.00
CA HIS G 77 -25.97 -7.45 22.28
C HIS G 77 -26.41 -7.18 23.72
N PHE G 78 -27.62 -6.70 23.87
CA PHE G 78 -28.17 -6.41 25.20
C PHE G 78 -29.47 -7.18 25.34
N SER G 79 -29.59 -7.96 26.42
CA SER G 79 -30.80 -8.75 26.67
C SER G 79 -32.01 -7.85 26.90
N LEU G 80 -33.03 -8.00 26.06
CA LEU G 80 -34.22 -7.18 26.17
C LEU G 80 -34.91 -7.10 27.54
N LYS G 81 -34.48 -7.91 28.50
CA LYS G 81 -35.12 -7.82 29.81
C LYS G 81 -34.19 -7.81 31.02
N SER G 82 -33.00 -8.39 30.88
CA SER G 82 -32.05 -8.37 31.99
C SER G 82 -31.19 -7.14 31.75
N GLY G 83 -31.31 -6.60 30.54
CA GLY G 83 -30.56 -5.43 30.14
C GLY G 83 -29.06 -5.66 30.14
N GLN G 84 -28.66 -6.86 30.55
CA GLN G 84 -27.26 -7.21 30.61
C GLN G 84 -26.60 -7.23 29.24
N CYS G 85 -25.28 -7.01 29.22
CA CYS G 85 -24.53 -7.03 27.97
C CYS G 85 -23.73 -8.33 27.92
N LEU G 86 -23.98 -9.12 26.87
CA LEU G 86 -23.31 -10.41 26.69
C LEU G 86 -21.80 -10.28 26.50
N GLU G 87 -21.39 -9.38 25.62
CA GLU G 87 -19.99 -9.16 25.30
C GLU G 87 -19.14 -8.46 26.37
N ASP G 88 -19.79 -7.85 27.36
CA ASP G 88 -19.06 -7.15 28.40
C ASP G 88 -19.84 -7.10 29.72
N GLU G 89 -19.19 -7.52 30.79
CA GLU G 89 -19.79 -7.55 32.13
C GLU G 89 -20.32 -6.18 32.56
N ALA G 90 -19.37 -5.27 32.77
CA ALA G 90 -19.63 -3.91 33.22
C ALA G 90 -20.91 -3.18 32.78
N HIS G 91 -21.34 -3.36 31.54
CA HIS G 91 -22.52 -2.65 31.06
C HIS G 91 -23.83 -3.44 31.14
N CYS G 92 -24.86 -2.81 31.71
CA CYS G 92 -26.18 -3.43 31.85
C CYS G 92 -27.26 -2.35 31.70
N LEU G 93 -27.98 -2.36 30.58
CA LEU G 93 -29.02 -1.35 30.35
C LEU G 93 -30.03 -1.32 31.50
N LYS G 94 -30.69 -0.18 31.65
CA LYS G 94 -31.72 -0.02 32.67
C LYS G 94 -33.02 -0.49 32.00
N THR G 95 -33.93 -1.05 32.78
CA THR G 95 -35.19 -1.53 32.23
C THR G 95 -36.41 -1.08 33.02
N TRP G 96 -37.51 -0.92 32.32
CA TRP G 96 -38.78 -0.50 32.92
C TRP G 96 -39.76 -1.65 32.77
N ARG G 97 -40.86 -1.60 33.53
CA ARG G 97 -41.86 -2.65 33.42
C ARG G 97 -43.08 -2.06 32.73
N VAL G 98 -43.30 -2.50 31.49
CA VAL G 98 -44.42 -2.02 30.71
C VAL G 98 -45.55 -3.03 30.79
N THR G 99 -46.75 -2.59 30.50
CA THR G 99 -47.90 -3.47 30.55
C THR G 99 -49.07 -2.88 29.79
N VAL G 100 -49.80 -3.75 29.08
CA VAL G 100 -50.97 -3.35 28.31
C VAL G 100 -52.13 -4.26 28.68
N ASP G 101 -53.34 -3.70 28.74
CA ASP G 101 -54.49 -4.51 29.09
C ASP G 101 -55.32 -4.81 27.85
N ASP G 102 -55.80 -3.75 27.20
CA ASP G 102 -56.61 -3.90 25.98
C ASP G 102 -55.88 -3.35 24.77
N ASN G 103 -55.40 -2.11 24.87
CA ASN G 103 -54.69 -1.51 23.76
C ASN G 103 -53.85 -0.32 24.21
N GLN G 104 -53.94 0.00 25.50
CA GLN G 104 -53.19 1.11 26.07
C GLN G 104 -51.90 0.58 26.67
N VAL G 105 -50.76 1.06 26.14
CA VAL G 105 -49.46 0.64 26.64
C VAL G 105 -49.10 1.54 27.81
N CYS G 106 -48.73 0.94 28.93
CA CYS G 106 -48.39 1.70 30.12
C CYS G 106 -47.22 1.09 30.88
N TYR G 107 -46.73 1.82 31.88
CA TYR G 107 -45.66 1.37 32.74
C TYR G 107 -46.13 1.63 34.18
N LEU G 108 -45.52 0.97 35.15
CA LEU G 108 -45.91 1.15 36.55
C LEU G 108 -45.26 2.38 37.19
N ALA G 109 -46.07 3.42 37.38
CA ALA G 109 -45.63 4.69 37.95
C ALA G 109 -45.07 4.55 39.37
N LEU H 4 -0.35 27.44 -6.78
CA LEU H 4 -1.25 28.56 -6.39
C LEU H 4 -2.11 28.15 -5.19
N THR H 5 -1.51 27.50 -4.19
CA THR H 5 -2.25 27.08 -3.00
C THR H 5 -1.33 26.82 -1.82
N LYS H 6 -1.69 27.32 -0.64
CA LYS H 6 -0.90 27.06 0.54
C LYS H 6 -1.29 25.69 1.06
N VAL H 7 -0.34 25.02 1.70
CA VAL H 7 -0.60 23.69 2.25
C VAL H 7 0.07 23.57 3.60
N LYS H 8 -0.74 23.32 4.63
CA LYS H 8 -0.24 23.19 6.00
C LYS H 8 1.01 22.31 5.95
N LEU H 9 2.07 22.74 6.61
CA LEU H 9 3.32 21.97 6.59
C LEU H 9 3.85 21.63 7.99
N CYS H 10 3.78 22.58 8.91
CA CYS H 10 4.24 22.35 10.28
C CYS H 10 3.83 23.51 11.17
N GLN H 11 4.38 23.56 12.38
CA GLN H 11 4.09 24.63 13.33
C GLN H 11 5.36 25.46 13.50
N LEU H 12 5.25 26.77 13.25
CA LEU H 12 6.40 27.66 13.36
C LEU H 12 7.11 27.62 14.70
N ASP H 13 6.39 27.17 15.74
CA ASP H 13 6.97 27.07 17.07
C ASP H 13 7.69 25.73 17.28
N ASP H 14 7.74 24.95 16.21
CA ASP H 14 8.39 23.65 16.21
C ASP H 14 9.72 23.73 15.46
N LEU H 15 10.26 24.94 15.33
CA LEU H 15 11.51 25.13 14.61
C LEU H 15 12.45 26.07 15.33
N MSE H 16 13.57 25.55 15.82
CA MSE H 16 14.57 26.36 16.52
C MSE H 16 15.49 27.05 15.53
O MSE H 16 16.14 26.38 14.74
CB MSE H 16 15.43 25.51 17.45
CG MSE H 16 15.00 25.54 18.91
SE MSE H 16 13.27 24.73 19.21
CE MSE H 16 12.14 26.30 19.10
N PRO H 17 15.57 28.39 15.57
CA PRO H 17 16.44 29.12 14.64
C PRO H 17 17.83 28.46 14.58
N PHE H 18 18.44 28.51 13.40
CA PHE H 18 19.77 27.90 13.20
C PHE H 18 19.66 26.38 13.08
N ILE H 19 18.60 25.81 13.65
CA ILE H 19 18.39 24.36 13.65
C ILE H 19 17.32 23.86 12.67
N GLY H 20 17.75 23.21 11.60
CA GLY H 20 16.79 22.71 10.63
C GLY H 20 16.19 21.35 10.92
N ALA H 21 14.87 21.23 10.80
CA ALA H 21 14.17 19.97 11.02
C ALA H 21 13.70 19.50 9.65
N THR H 22 13.44 18.20 9.51
CA THR H 22 13.00 17.66 8.23
C THR H 22 11.52 17.38 8.13
N VAL H 23 11.00 17.52 6.93
CA VAL H 23 9.61 17.24 6.67
C VAL H 23 9.58 16.48 5.36
N LEU H 24 8.40 16.01 4.98
CA LEU H 24 8.25 15.24 3.76
C LEU H 24 7.20 15.98 2.93
N ILE H 25 7.53 16.33 1.69
CA ILE H 25 6.58 17.05 0.84
C ILE H 25 6.21 16.24 -0.37
N GLU H 26 5.15 15.45 -0.23
CA GLU H 26 4.68 14.55 -1.27
C GLU H 26 5.78 13.58 -1.69
N GLY H 27 6.34 12.88 -0.69
CA GLY H 27 7.39 11.91 -0.94
C GLY H 27 8.75 12.48 -1.28
N GLU H 28 9.07 13.62 -0.71
CA GLU H 28 10.35 14.25 -1.00
C GLU H 28 10.96 14.75 0.31
N ARG H 29 12.25 14.54 0.47
CA ARG H 29 12.96 14.95 1.67
C ARG H 29 13.26 16.44 1.69
N VAL H 30 12.67 17.14 2.64
CA VAL H 30 12.86 18.58 2.73
C VAL H 30 13.35 19.00 4.09
N ALA H 31 14.26 19.95 4.10
CA ALA H 31 14.82 20.47 5.34
C ALA H 31 14.22 21.86 5.56
N LEU H 32 13.62 22.08 6.71
CA LEU H 32 13.07 23.40 7.00
C LEU H 32 14.00 24.15 7.93
N PHE H 33 14.34 25.38 7.56
CA PHE H 33 15.20 26.22 8.39
C PHE H 33 14.43 27.50 8.71
N TYR H 34 14.49 27.91 9.98
CA TYR H 34 13.80 29.11 10.44
C TYR H 34 14.75 30.22 10.87
N ILE H 35 14.54 31.41 10.31
CA ILE H 35 15.34 32.60 10.62
C ILE H 35 14.35 33.67 11.06
N PRO H 36 14.49 34.19 12.30
CA PRO H 36 13.63 35.23 12.89
C PRO H 36 13.67 36.61 12.20
N ASP H 37 14.04 36.64 10.93
CA ASP H 37 14.14 37.89 10.18
C ASP H 37 14.06 37.66 8.67
N SER H 38 14.76 36.62 8.20
CA SER H 38 14.78 36.27 6.77
C SER H 38 13.51 35.55 6.37
N GLY H 39 13.13 34.58 7.18
CA GLY H 39 11.95 33.79 6.92
C GLY H 39 12.34 32.33 6.94
N VAL H 40 11.38 31.46 6.65
CA VAL H 40 11.61 30.02 6.65
C VAL H 40 12.08 29.55 5.27
N TYR H 41 13.20 28.82 5.24
CA TYR H 41 13.71 28.31 3.97
C TYR H 41 13.64 26.78 3.83
N ALA H 42 13.08 26.33 2.71
CA ALA H 42 12.94 24.90 2.45
C ALA H 42 13.88 24.40 1.36
N VAL H 43 14.84 23.57 1.76
CA VAL H 43 15.83 23.01 0.83
C VAL H 43 15.79 21.48 0.86
N GLN H 44 16.22 20.83 -0.21
CA GLN H 44 16.23 19.36 -0.21
C GLN H 44 17.15 18.89 0.90
N ASP H 45 16.78 17.81 1.58
CA ASP H 45 17.60 17.32 2.68
C ASP H 45 18.70 16.38 2.17
N TRP H 46 18.68 16.07 0.88
CA TRP H 46 19.68 15.18 0.31
C TRP H 46 20.89 15.96 -0.23
N ASP H 47 22.02 15.80 0.45
CA ASP H 47 23.27 16.45 0.07
C ASP H 47 23.80 15.85 -1.24
N PRO H 48 23.75 16.61 -2.35
CA PRO H 48 24.22 16.15 -3.67
C PRO H 48 25.70 15.74 -3.78
N ILE H 49 26.45 15.99 -2.71
CA ILE H 49 27.86 15.61 -2.61
C ILE H 49 27.89 14.96 -1.22
N GLY H 50 28.26 13.69 -1.14
CA GLY H 50 28.25 13.04 0.15
C GLY H 50 27.23 11.93 0.07
N LYS H 51 26.08 12.25 -0.53
CA LYS H 51 25.05 11.26 -0.74
C LYS H 51 24.47 10.73 0.58
N ALA H 52 23.64 11.55 1.22
CA ALA H 52 23.01 11.17 2.47
C ALA H 52 22.02 12.26 2.88
N TYR H 53 20.91 11.86 3.52
CA TYR H 53 19.90 12.82 3.97
C TYR H 53 20.45 13.47 5.22
N VAL H 54 21.08 14.63 5.07
CA VAL H 54 21.71 15.26 6.21
C VAL H 54 21.74 16.81 6.31
N MSE H 55 21.18 17.50 5.32
CA MSE H 55 21.18 18.97 5.34
C MSE H 55 20.49 19.60 6.55
O MSE H 55 20.89 20.67 7.01
CB MSE H 55 20.52 19.53 4.08
CG MSE H 55 21.28 19.22 2.79
SE MSE H 55 23.19 19.57 2.88
CE MSE H 55 23.14 21.50 2.84
N SER H 56 19.45 18.97 7.07
CA SER H 56 18.77 19.53 8.21
C SER H 56 19.71 19.52 9.41
N ARG H 57 20.86 18.87 9.23
CA ARG H 57 21.85 18.76 10.28
C ARG H 57 23.04 19.70 10.09
N GLY H 58 22.98 20.54 9.07
CA GLY H 58 24.06 21.46 8.81
C GLY H 58 24.01 22.69 9.69
N ILE H 59 25.13 23.40 9.80
CA ILE H 59 25.19 24.59 10.62
C ILE H 59 24.86 25.82 9.76
N VAL H 60 23.79 26.51 10.13
CA VAL H 60 23.37 27.69 9.39
C VAL H 60 24.22 28.91 9.76
N GLY H 61 25.06 29.33 8.83
CA GLY H 61 25.90 30.48 9.07
C GLY H 61 25.80 31.46 7.92
N ASP H 62 25.76 32.75 8.25
CA ASP H 62 25.66 33.79 7.24
C ASP H 62 27.06 34.23 6.81
N ILE H 63 27.45 33.85 5.60
CA ILE H 63 28.76 34.20 5.06
C ILE H 63 28.71 35.66 4.63
N ASN H 64 28.63 35.91 3.32
CA ASN H 64 28.56 37.29 2.84
C ASN H 64 27.14 37.67 2.45
N GLY H 65 26.49 38.43 3.32
CA GLY H 65 25.12 38.86 3.07
C GLY H 65 24.15 37.69 3.04
N GLU H 66 24.15 36.95 1.94
CA GLU H 66 23.27 35.79 1.76
C GLU H 66 23.46 34.71 2.82
N MSE H 67 22.35 34.09 3.21
CA MSE H 67 22.34 33.03 4.22
C MSE H 67 22.79 31.70 3.65
O MSE H 67 22.57 31.41 2.46
CB MSE H 67 20.92 32.89 4.79
CG MSE H 67 20.85 32.14 6.09
SE MSE H 67 21.57 33.18 7.56
CE MSE H 67 20.02 34.28 7.91
N CYS H 68 23.41 30.86 4.49
CA CYS H 68 23.88 29.56 4.02
C CYS H 68 23.93 28.48 5.09
N VAL H 69 23.64 27.25 4.69
CA VAL H 69 23.68 26.11 5.59
C VAL H 69 24.91 25.30 5.23
N ALA H 70 25.71 24.95 6.23
CA ALA H 70 26.94 24.19 6.01
C ALA H 70 26.75 22.68 6.09
N SER H 71 26.92 21.99 4.97
CA SER H 71 26.77 20.53 4.94
C SER H 71 27.75 19.89 5.90
N PRO H 72 27.28 18.92 6.69
CA PRO H 72 28.11 18.21 7.68
C PRO H 72 29.03 17.10 7.18
N LEU H 73 28.81 16.63 5.96
CA LEU H 73 29.66 15.55 5.43
C LEU H 73 31.04 16.02 4.99
N TYR H 74 31.10 16.91 4.01
CA TYR H 74 32.37 17.43 3.51
C TYR H 74 32.54 18.94 3.68
N LYS H 75 31.84 19.49 4.67
CA LYS H 75 31.92 20.90 5.03
C LYS H 75 31.60 21.98 3.98
N GLN H 76 30.91 21.63 2.90
CA GLN H 76 30.57 22.63 1.87
C GLN H 76 29.62 23.67 2.42
N HIS H 77 29.07 24.48 1.51
CA HIS H 77 28.12 25.55 1.85
C HIS H 77 27.11 25.75 0.74
N PHE H 78 25.82 25.76 1.08
CA PHE H 78 24.73 25.95 0.10
C PHE H 78 23.89 27.14 0.54
N SER H 79 23.24 27.82 -0.41
CA SER H 79 22.42 28.99 -0.12
C SER H 79 20.93 28.72 0.07
N LEU H 80 20.38 29.18 1.19
CA LEU H 80 18.96 29.00 1.45
C LEU H 80 18.22 29.92 0.48
N LYS H 81 17.03 29.51 0.04
CA LYS H 81 16.25 30.29 -0.91
C LYS H 81 17.09 30.59 -2.15
N SER H 82 17.84 29.58 -2.59
CA SER H 82 18.70 29.68 -3.76
C SER H 82 19.17 28.29 -4.12
N GLY H 83 19.72 27.61 -3.12
CA GLY H 83 20.22 26.27 -3.29
C GLY H 83 21.64 26.26 -3.77
N GLN H 84 22.04 27.35 -4.43
CA GLN H 84 23.38 27.46 -4.97
C GLN H 84 24.49 27.13 -3.98
N CYS H 85 25.35 26.23 -4.41
CA CYS H 85 26.46 25.75 -3.63
C CYS H 85 27.58 26.76 -3.43
N LEU H 86 28.58 26.34 -2.66
CA LEU H 86 29.78 27.12 -2.38
C LEU H 86 30.62 26.87 -3.62
N GLU H 87 31.58 27.74 -3.90
CA GLU H 87 32.38 27.59 -5.11
C GLU H 87 32.48 26.16 -5.67
N ASP H 88 31.50 25.84 -6.52
CA ASP H 88 31.33 24.58 -7.23
C ASP H 88 29.95 24.65 -7.86
N GLU H 89 29.86 25.42 -8.94
CA GLU H 89 28.63 25.65 -9.69
C GLU H 89 27.77 24.40 -9.76
N ALA H 90 28.36 23.35 -10.32
CA ALA H 90 27.74 22.05 -10.53
C ALA H 90 26.50 21.71 -9.70
N HIS H 91 26.63 21.68 -8.38
CA HIS H 91 25.53 21.32 -7.49
C HIS H 91 24.74 22.49 -6.92
N CYS H 92 23.45 22.27 -6.74
CA CYS H 92 22.52 23.26 -6.20
C CYS H 92 21.33 22.49 -5.61
N LEU H 93 20.89 22.92 -4.42
CA LEU H 93 19.78 22.27 -3.75
C LEU H 93 18.42 22.73 -4.24
N LYS H 94 17.50 21.78 -4.41
CA LYS H 94 16.14 22.09 -4.84
C LYS H 94 15.50 22.90 -3.71
N THR H 95 14.67 23.88 -4.05
CA THR H 95 14.03 24.68 -3.02
C THR H 95 12.52 24.73 -3.18
N TRP H 96 11.81 24.84 -2.07
CA TRP H 96 10.35 24.88 -2.08
C TRP H 96 9.80 26.25 -1.70
N ARG H 97 8.63 26.57 -2.25
CA ARG H 97 7.98 27.84 -1.95
C ARG H 97 7.31 27.66 -0.60
N VAL H 98 7.70 28.46 0.38
CA VAL H 98 7.13 28.34 1.71
C VAL H 98 6.59 29.65 2.27
N THR H 99 5.31 29.67 2.65
CA THR H 99 4.67 30.86 3.19
C THR H 99 4.41 30.68 4.68
N VAL H 100 3.92 31.74 5.33
CA VAL H 100 3.63 31.69 6.75
C VAL H 100 2.34 32.44 7.07
N ASP H 101 1.72 32.09 8.21
CA ASP H 101 0.49 32.72 8.66
C ASP H 101 0.64 33.10 10.15
N ASP H 102 -0.32 32.65 10.97
CA ASP H 102 -0.28 32.92 12.41
C ASP H 102 1.06 32.36 12.89
N ASN H 103 1.18 31.04 12.77
CA ASN H 103 2.38 30.29 13.14
C ASN H 103 2.31 29.01 12.32
N GLN H 104 1.56 29.10 11.21
CA GLN H 104 1.36 27.98 10.30
C GLN H 104 2.27 28.07 9.07
N VAL H 105 3.31 27.25 9.05
CA VAL H 105 4.24 27.22 7.93
C VAL H 105 3.59 26.41 6.81
N CYS H 106 3.55 26.98 5.60
CA CYS H 106 2.95 26.27 4.48
C CYS H 106 3.90 26.17 3.30
N TYR H 107 3.38 25.62 2.21
CA TYR H 107 4.16 25.49 0.98
C TYR H 107 3.16 25.52 -0.17
N LEU H 108 3.51 26.22 -1.23
CA LEU H 108 2.63 26.36 -2.38
C LEU H 108 2.69 25.16 -3.31
N ALA H 109 1.57 24.86 -3.96
CA ALA H 109 1.51 23.74 -4.89
C ALA H 109 0.34 23.87 -5.85
#